data_2B5T
#
_entry.id   2B5T
#
_cell.length_a   59.280
_cell.length_b   59.530
_cell.length_c   108.410
_cell.angle_alpha   77.55
_cell.angle_beta   78.94
_cell.angle_gamma   68.08
#
_symmetry.space_group_name_H-M   'P 1'
#
loop_
_entity.id
_entity.type
_entity.pdbx_description
1 polymer Thrombin
2 polymer Thrombin
3 polymer Antithrombin-III
4 branched alpha-L-fucopyranose-(1-6)-2-acetamido-2-deoxy-beta-D-glucopyranose
5 branched '2,3,4,6-tetra-O-sulfonato-alpha-D-glucopyranose-(1-4)-2,3,6-tri-O-sulfo-alpha-D-glucopyranose-(1-4)-2,3,6-tri-O-sulfonato-beta-D-glucopyranose-(1-4)-2,3-di-O-methyl-6-O-sulfonato-alpha-D-glucopyranose-(1-4)-2,3,6-tri-O-methyl-beta-D-glucopyranose-(1-4)-2,3,6-tri-O-methyl-alpha-D-glucopyranose-(1-4)-2,3,6-tri-O-methyl-beta-D-glucopyranose-(1-4)-2,3,6-tri-O-methyl-alpha-D-glucopyranose-(1-4)-2,3,6-tri-O-methyl-beta-D-glucopyranose-(1-4)-2,3,6-tri-O-methyl-alpha-D-glucopyranose-(1-4)-2,3,6-tri-O-methyl-beta-D-glucopyranose-(1-4)-2,3-di-O-methyl-6-O-sulfonato-alpha-D-glucopyranose-(1-4)-2,3-di-O-methyl-beta-D-glucopyranuronic acid-(1-4)-2,3,6-tri-O-sulfo-alpha-D-glucopyranose-(1-4)-2,3-di-O-methyl-alpha-L-idopyranuronic acid-(1-4)-methyl 3-O-methyl-2,6-di-O-sulfo-alpha-D-glucopyranoside'
6 branched alpha-D-mannopyranose-(1-2)-alpha-D-mannopyranose-(1-3)-[alpha-D-mannopyranose-(1-6)]beta-D-mannopyranose-(1-4)-2-acetamido-2-deoxy-beta-D-glucopyranose-(1-4)-[alpha-L-fucopyranose-(1-6)]2-acetamido-2-deoxy-beta-D-glucopyranose
7 branched 2-acetamido-2-deoxy-beta-D-glucopyranose-(1-4)-2-acetamido-2-deoxy-beta-D-glucopyranose
8 non-polymer GLYCEROL
9 non-polymer 'SULFATE ION'
10 non-polymer 2-acetamido-2-deoxy-beta-D-glucopyranose
11 water water
#
loop_
_entity_poly.entity_id
_entity_poly.type
_entity_poly.pdbx_seq_one_letter_code
_entity_poly.pdbx_strand_id
1 'polypeptide(L)' TATSEYQTFFNPRTFGSGEADCGLRPLFEKKSLEDKTERELLESYIDGR A,C
2 'polypeptide(L)'
;IVEGSDAEIGMSPWQVMLFRKSPQELLCGASLISDRWVLTAAHCLLYPPWDKNFTENDLLVRIGKHSRTRYERNIEKISM
LEKIYIHPRYNWRENLDRDIALMKLKKPVAFSDYIHPVCLPDRETAASLLQAGYKGRVTGWGNLKETWTANVGKGQPSVL
QVVNLPIVERPVCKDSTRIRITDNMFCAGYKPDEGKRGDACEGDAGGPFVMKSPFNNRWYQMGIVSWGEGCDRDGKYGFY
THVFRLKKWIQKVIDQFGE
;
B,D
3 'polypeptide(L)'
;HGSPVDICTAKPRDIPMNPMCIYRSPEKKATEDEGSEQKIPEATNRRVWELSKANSRFATTFYQHLADSKNDNDNIFLSP
LSISTAFAMTKLGACNDTLQQLMEVFKFDTISEKTSDQIHFFFAKLNCRLYRKANKASKLVSANRLFGDKSLTFNETYQD
ISELVYGAKLQPLDFKENAEQSRAAINKWVSNKTEGRITDVIPSEAINELTVLVLVNTIYFKGLWKSKFSPENTRKELFY
KADGESCSASMMYQEGKFRYRRVAEGTQVLELPFKGDDITMVLILPKPEKSLAKVEKELTPEVLQEWLDELEEMMLCVHM
PRFRIEDGFSLKEQLQDMGLVDLFSPEKSKLPGIVAEGRDDLYVSDAFHKAFLEVNEEGSEAAASTAVVIAGRSLNPNRV
CFKANRPFLVFIREVPLNTIIFMGRVANPCVK
;
I
#
# COMPACT_ATOMS: atom_id res chain seq x y z
N THR A 3 -10.27 -11.23 31.04
CA THR A 3 -9.28 -10.72 30.05
C THR A 3 -9.85 -9.54 29.28
N SER A 4 -8.98 -8.84 28.55
CA SER A 4 -9.39 -7.68 27.76
C SER A 4 -9.73 -8.09 26.32
N GLU A 5 -11.00 -7.99 25.98
N GLU A 5 -11.00 -8.02 25.97
CA GLU A 5 -11.49 -8.37 24.65
CA GLU A 5 -11.42 -8.41 24.64
C GLU A 5 -11.31 -7.27 23.61
C GLU A 5 -11.29 -7.28 23.63
N TYR A 6 -10.62 -7.58 22.52
CA TYR A 6 -10.41 -6.59 21.48
C TYR A 6 -10.30 -7.25 20.10
N GLN A 7 -11.07 -6.75 19.15
CA GLN A 7 -11.07 -7.27 17.78
C GLN A 7 -10.28 -6.31 16.90
N THR A 8 -9.19 -6.78 16.27
CA THR A 8 -8.41 -5.91 15.42
C THR A 8 -9.20 -5.46 14.21
N PHE A 9 -8.77 -4.35 13.62
CA PHE A 9 -9.44 -3.78 12.48
C PHE A 9 -8.51 -3.63 11.29
N PHE A 10 -7.26 -3.26 11.58
CA PHE A 10 -6.27 -3.06 10.54
C PHE A 10 -5.47 -4.30 10.20
N ASN A 11 -4.80 -4.27 9.05
CA ASN A 11 -3.97 -5.36 8.60
C ASN A 11 -2.54 -5.00 9.00
N PRO A 12 -1.91 -5.80 9.87
CA PRO A 12 -0.55 -5.49 10.30
C PRO A 12 0.48 -5.40 9.17
N ARG A 13 0.10 -5.85 7.97
CA ARG A 13 1.01 -5.77 6.83
C ARG A 13 1.26 -4.32 6.46
N THR A 14 0.28 -3.46 6.69
CA THR A 14 0.39 -2.04 6.37
C THR A 14 0.32 -1.16 7.63
N PHE A 15 -0.26 -1.70 8.69
CA PHE A 15 -0.44 -0.99 9.95
C PHE A 15 0.79 -1.15 10.84
N GLY A 16 1.52 -2.23 10.63
CA GLY A 16 2.68 -2.49 11.48
C GLY A 16 2.11 -3.32 12.60
N SER A 17 2.83 -3.45 13.71
CA SER A 17 2.31 -4.25 14.82
C SER A 17 1.91 -3.39 16.01
N GLY A 18 1.23 -4.02 16.96
CA GLY A 18 0.80 -3.35 18.17
C GLY A 18 -0.69 -3.19 18.40
N GLU A 19 -1.51 -3.35 17.36
CA GLU A 19 -2.95 -3.17 17.53
C GLU A 19 -3.62 -4.15 18.48
N ALA A 20 -3.19 -5.41 18.46
CA ALA A 20 -3.80 -6.43 19.31
C ALA A 20 -3.69 -6.13 20.80
N ASP A 21 -2.59 -5.52 21.21
CA ASP A 21 -2.42 -5.19 22.61
C ASP A 21 -2.52 -3.68 22.87
N CYS A 22 -3.22 -2.97 21.98
CA CYS A 22 -3.40 -1.52 22.10
C CYS A 22 -4.19 -1.11 23.35
N GLY A 23 -3.91 0.09 23.85
CA GLY A 23 -4.64 0.61 25.02
C GLY A 23 -4.39 0.05 26.41
N LEU A 24 -3.46 -0.89 26.55
CA LEU A 24 -3.16 -1.46 27.87
C LEU A 24 -1.75 -1.04 28.22
N ARG A 25 -1.62 -0.20 29.25
CA ARG A 25 -0.34 0.34 29.68
C ARG A 25 0.52 -0.60 30.52
N PRO A 26 1.77 -0.81 30.10
CA PRO A 26 2.73 -1.67 30.80
C PRO A 26 2.84 -1.37 32.28
N LEU A 27 2.95 -0.09 32.62
CA LEU A 27 3.09 0.31 34.01
C LEU A 27 1.78 0.50 34.77
N PHE A 28 0.65 0.17 34.14
CA PHE A 28 -0.61 0.34 34.82
C PHE A 28 -1.57 -0.83 34.65
N GLU A 29 -2.24 -0.93 33.51
CA GLU A 29 -3.16 -2.03 33.29
C GLU A 29 -2.48 -3.38 33.44
N LYS A 30 -1.35 -3.56 32.75
CA LYS A 30 -0.60 -4.81 32.77
C LYS A 30 -0.06 -5.24 34.14
N LYS A 31 -0.04 -4.31 35.09
CA LYS A 31 0.42 -4.59 36.46
C LYS A 31 -0.74 -4.40 37.42
N SER A 32 -1.96 -4.42 36.87
CA SER A 32 -3.16 -4.25 37.66
C SER A 32 -3.07 -3.03 38.60
N LEU A 33 -2.50 -1.96 38.08
CA LEU A 33 -2.36 -0.72 38.84
C LEU A 33 -3.17 0.38 38.15
N GLU A 34 -3.68 1.32 38.92
CA GLU A 34 -4.46 2.43 38.36
C GLU A 34 -3.68 3.73 38.54
N ASP A 35 -3.86 4.67 37.62
CA ASP A 35 -3.15 5.94 37.77
C ASP A 35 -3.99 6.81 38.69
N LYS A 36 -3.44 7.95 39.08
CA LYS A 36 -4.08 8.86 40.01
C LYS A 36 -5.46 9.42 39.68
N THR A 37 -5.86 9.44 38.41
CA THR A 37 -7.16 10.02 38.11
C THR A 37 -8.06 9.21 37.20
N GLU A 38 -7.68 8.02 36.80
CA GLU A 38 -8.55 7.29 35.89
C GLU A 38 -9.91 6.94 36.50
N ARG A 39 -9.97 6.89 37.82
CA ARG A 39 -11.22 6.58 38.49
C ARG A 39 -12.22 7.69 38.14
N GLU A 40 -11.71 8.89 37.94
CA GLU A 40 -12.58 10.01 37.58
C GLU A 40 -13.28 9.73 36.26
N LEU A 41 -12.60 9.03 35.35
CA LEU A 41 -13.21 8.72 34.07
C LEU A 41 -14.26 7.61 34.22
N LEU A 42 -13.91 6.56 34.94
CA LEU A 42 -14.83 5.45 35.17
C LEU A 42 -16.12 5.95 35.84
N GLU A 43 -15.97 6.86 36.81
CA GLU A 43 -17.12 7.40 37.51
C GLU A 43 -18.03 8.23 36.62
N SER A 44 -17.46 8.89 35.61
CA SER A 44 -18.27 9.73 34.72
C SER A 44 -19.29 8.96 33.87
N TYR A 45 -19.18 7.63 33.84
CA TYR A 45 -20.13 6.86 33.06
C TYR A 45 -21.45 6.68 33.79
N ILE A 46 -21.52 7.16 35.03
CA ILE A 46 -22.74 7.07 35.82
C ILE A 46 -23.90 7.75 35.08
N ASP A 47 -25.05 7.09 35.00
CA ASP A 47 -26.21 7.69 34.36
C ASP A 47 -27.26 7.88 35.46
N GLY A 48 -27.34 9.11 35.98
CA GLY A 48 -28.29 9.42 37.03
C GLY A 48 -29.69 9.30 36.47
N ARG A 49 -30.62 8.86 37.30
CA ARG A 49 -31.98 8.68 36.80
C ARG A 49 -32.90 9.83 37.15
N ILE B 1 -1.64 22.64 28.40
CA ILE B 1 -2.74 22.19 29.30
C ILE B 1 -2.94 23.14 30.48
N VAL B 2 -4.13 23.74 30.56
CA VAL B 2 -4.46 24.65 31.64
C VAL B 2 -5.17 23.90 32.77
N GLU B 3 -4.77 24.18 34.02
CA GLU B 3 -5.38 23.56 35.20
C GLU B 3 -5.22 22.03 35.26
N GLY B 4 -4.13 21.51 34.70
CA GLY B 4 -3.92 20.09 34.75
C GLY B 4 -2.93 19.76 35.85
N SER B 5 -2.19 18.68 35.67
CA SER B 5 -1.20 18.28 36.66
C SER B 5 -0.17 17.41 35.96
N ASP B 6 0.97 17.23 36.61
CA ASP B 6 2.02 16.39 36.05
C ASP B 6 1.49 14.98 35.81
N ALA B 7 1.84 14.43 34.66
CA ALA B 7 1.42 13.08 34.32
C ALA B 7 2.35 12.15 35.07
N GLU B 8 1.93 10.90 35.27
CA GLU B 8 2.78 9.94 35.94
C GLU B 8 3.58 9.25 34.85
N ILE B 9 4.67 8.59 35.24
CA ILE B 9 5.52 7.87 34.31
C ILE B 9 4.76 6.73 33.65
N GLY B 10 4.83 6.64 32.32
CA GLY B 10 4.14 5.57 31.60
C GLY B 10 2.64 5.73 31.56
N MET B 11 2.13 6.85 32.07
CA MET B 11 0.71 7.14 32.10
C MET B 11 0.09 7.30 30.70
N SER B 12 0.88 7.81 29.77
CA SER B 12 0.42 8.04 28.40
C SER B 12 1.53 7.61 27.44
N PRO B 13 1.83 6.30 27.41
CA PRO B 13 2.89 5.72 26.56
C PRO B 13 2.73 5.92 25.06
N TRP B 14 1.58 6.39 24.63
CA TRP B 14 1.31 6.64 23.22
C TRP B 14 1.52 8.10 22.85
N GLN B 15 1.88 8.90 23.84
CA GLN B 15 2.13 10.34 23.67
C GLN B 15 3.36 10.52 22.78
N VAL B 16 3.22 11.35 21.74
CA VAL B 16 4.32 11.60 20.83
C VAL B 16 4.59 13.10 20.72
N MET B 17 5.87 13.45 20.63
CA MET B 17 6.28 14.85 20.51
C MET B 17 6.77 15.10 19.09
N LEU B 18 6.19 16.09 18.42
CA LEU B 18 6.59 16.45 17.05
C LEU B 18 7.66 17.51 17.27
N PHE B 19 8.83 17.30 16.69
CA PHE B 19 9.95 18.24 16.87
C PHE B 19 10.50 18.74 15.55
N ARG B 20 10.82 20.03 15.49
CA ARG B 20 11.37 20.62 14.28
C ARG B 20 12.90 20.54 14.35
N LYS B 21 13.51 20.09 13.26
CA LYS B 21 14.97 19.93 13.19
C LYS B 21 15.75 21.25 13.18
N SER B 22 15.32 22.20 12.36
CA SER B 22 16.03 23.46 12.28
C SER B 22 15.12 24.65 12.00
N PRO B 23 15.02 25.60 12.95
CA PRO B 23 15.72 25.55 14.23
C PRO B 23 15.09 24.48 15.11
N GLN B 24 15.83 24.04 16.13
CA GLN B 24 15.34 23.01 17.03
C GLN B 24 14.28 23.57 17.98
N GLU B 25 13.06 23.05 17.86
CA GLU B 25 11.97 23.49 18.72
C GLU B 25 10.83 22.50 18.76
N LEU B 26 10.01 22.60 19.81
CA LEU B 26 8.85 21.75 19.99
C LEU B 26 7.73 22.29 19.11
N LEU B 27 7.07 21.42 18.37
CA LEU B 27 6.01 21.88 17.48
C LEU B 27 4.60 21.58 17.94
N CYS B 28 4.34 20.31 18.22
CA CYS B 28 3.01 19.86 18.60
C CYS B 28 3.08 18.52 19.28
N GLY B 29 1.89 18.03 19.64
CA GLY B 29 1.76 16.71 20.23
C GLY B 29 1.31 15.79 19.11
N ALA B 30 1.21 14.52 19.43
CA ALA B 30 0.78 13.50 18.46
C ALA B 30 0.53 12.23 19.26
N SER B 31 0.16 11.15 18.58
CA SER B 31 -0.12 9.90 19.26
C SER B 31 0.33 8.70 18.45
N LEU B 32 0.77 7.65 19.14
CA LEU B 32 1.24 6.43 18.48
C LEU B 32 0.09 5.42 18.37
N ILE B 33 -0.18 4.94 17.16
CA ILE B 33 -1.26 3.96 17.00
C ILE B 33 -0.75 2.57 16.61
N SER B 34 0.54 2.47 16.30
CA SER B 34 1.19 1.22 15.94
C SER B 34 2.69 1.46 16.03
N ASP B 35 3.50 0.51 15.57
CA ASP B 35 4.94 0.71 15.63
C ASP B 35 5.46 1.55 14.47
N ARG B 36 4.61 1.79 13.47
CA ARG B 36 5.06 2.58 12.33
C ARG B 36 4.18 3.78 11.97
N TRP B 37 3.04 3.94 12.63
CA TRP B 37 2.15 5.05 12.33
C TRP B 37 1.88 6.01 13.49
N VAL B 38 1.90 7.30 13.19
CA VAL B 38 1.63 8.34 14.19
C VAL B 38 0.55 9.30 13.70
N LEU B 39 -0.39 9.61 14.59
CA LEU B 39 -1.51 10.48 14.29
C LEU B 39 -1.25 11.88 14.87
N THR B 40 -1.79 12.91 14.22
CA THR B 40 -1.59 14.28 14.70
C THR B 40 -2.61 15.21 14.04
N ALA B 41 -2.52 16.51 14.35
CA ALA B 41 -3.44 17.49 13.75
C ALA B 41 -2.82 18.01 12.45
N ALA B 42 -3.66 18.19 11.43
CA ALA B 42 -3.19 18.67 10.13
C ALA B 42 -2.51 20.03 10.20
N HIS B 43 -3.11 20.97 10.94
CA HIS B 43 -2.55 22.30 11.02
C HIS B 43 -1.20 22.36 11.71
N CYS B 44 -0.78 21.23 12.31
CA CYS B 44 0.53 21.16 12.94
C CYS B 44 1.58 20.98 11.82
N LEU B 45 1.11 20.58 10.64
CA LEU B 45 1.99 20.33 9.51
C LEU B 45 1.76 21.32 8.37
N LEU B 46 0.50 21.72 8.20
CA LEU B 46 0.14 22.63 7.13
C LEU B 46 -0.81 23.72 7.62
N TYR B 47 -0.29 24.94 7.74
CA TYR B 47 -1.11 26.06 8.16
C TYR B 47 -0.46 27.37 7.74
N PRO B 48 -0.72 27.79 6.49
CA PRO B 48 -0.18 29.04 5.92
C PRO B 48 -0.23 30.25 6.86
N PRO B 49 -1.37 30.48 7.54
CA PRO B 49 -1.46 31.62 8.45
C PRO B 49 -0.26 31.78 9.38
N TRP B 50 0.39 30.67 9.71
CA TRP B 50 1.57 30.71 10.56
C TRP B 50 2.76 30.33 9.70
N ASP B 51 2.56 30.39 8.38
CA ASP B 51 3.58 30.05 7.41
C ASP B 51 4.26 28.72 7.68
N LYS B 52 3.45 27.70 7.93
CA LYS B 52 3.98 26.36 8.19
C LYS B 52 3.55 25.41 7.07
N ASN B 53 4.54 24.82 6.41
CA ASN B 53 4.29 23.87 5.34
C ASN B 53 5.43 22.86 5.35
N PHE B 54 5.47 22.05 6.39
CA PHE B 54 6.53 21.06 6.56
C PHE B 54 6.47 19.86 5.62
N THR B 55 7.63 19.22 5.46
CA THR B 55 7.75 18.02 4.66
C THR B 55 8.36 17.00 5.61
N GLU B 56 8.42 15.75 5.18
CA GLU B 56 8.98 14.68 6.01
C GLU B 56 10.33 15.05 6.59
N ASN B 57 11.20 15.60 5.75
CA ASN B 57 12.56 15.96 6.16
C ASN B 57 12.75 17.05 7.20
N ASP B 58 11.76 17.92 7.37
CA ASP B 58 11.88 19.00 8.35
C ASP B 58 11.58 18.55 9.76
N LEU B 59 10.85 17.45 9.88
CA LEU B 59 10.41 16.96 11.17
C LEU B 59 11.03 15.72 11.75
N LEU B 60 10.73 15.52 13.02
CA LEU B 60 11.23 14.40 13.80
C LEU B 60 10.23 14.11 14.92
N VAL B 61 10.08 12.85 15.32
CA VAL B 61 9.19 12.53 16.43
C VAL B 61 9.97 11.91 17.58
N ARG B 62 9.64 12.30 18.80
CA ARG B 62 10.28 11.79 20.00
C ARG B 62 9.19 11.07 20.81
N ILE B 63 9.40 9.78 21.07
CA ILE B 63 8.44 8.95 21.76
C ILE B 63 8.89 8.45 23.14
N GLY B 64 7.93 8.28 24.04
CA GLY B 64 8.23 7.81 25.39
C GLY B 64 8.78 8.89 26.30
N LYS B 65 8.45 10.15 26.03
CA LYS B 65 8.96 11.24 26.84
C LYS B 65 8.07 11.65 28.00
N HIS B 66 8.67 12.32 28.97
CA HIS B 66 7.97 12.83 30.14
C HIS B 66 8.39 14.28 30.26
N SER B 67 9.70 14.48 30.40
CA SER B 67 10.26 15.83 30.50
C SER B 67 10.05 16.53 29.16
N ARG B 68 9.76 17.83 29.23
CA ARG B 68 9.54 18.61 28.03
C ARG B 68 10.84 19.08 27.39
N THR B 69 11.78 19.48 28.22
CA THR B 69 13.05 20.05 27.77
C THR B 69 14.32 19.19 27.77
N ARG B 70 14.28 18.03 28.41
CA ARG B 70 15.48 17.19 28.46
C ARG B 70 15.47 15.98 27.56
N TYR B 71 16.66 15.53 27.21
CA TYR B 71 16.85 14.34 26.39
C TYR B 71 16.86 13.22 27.42
N GLU B 72 15.85 12.36 27.36
CA GLU B 72 15.73 11.26 28.31
C GLU B 72 16.39 10.00 27.78
N ARG B 73 17.71 9.96 27.94
CA ARG B 73 18.55 8.84 27.50
C ARG B 73 18.05 7.46 27.91
N ASN B 74 18.13 6.53 26.96
CA ASN B 74 17.71 5.15 27.19
C ASN B 74 16.21 5.00 27.41
N ILE B 75 15.49 6.12 27.46
CA ILE B 75 14.05 6.08 27.67
C ILE B 75 13.30 6.49 26.43
N GLU B 76 13.53 7.71 25.97
CA GLU B 76 12.84 8.21 24.79
C GLU B 76 13.49 7.70 23.52
N LYS B 77 12.69 7.56 22.46
CA LYS B 77 13.19 7.09 21.18
C LYS B 77 12.86 8.12 20.10
N ILE B 78 13.79 8.32 19.19
CA ILE B 78 13.58 9.27 18.12
C ILE B 78 13.44 8.57 16.78
N SER B 79 12.55 9.10 15.94
CA SER B 79 12.32 8.52 14.64
C SER B 79 12.17 9.61 13.60
N MET B 80 12.63 9.31 12.40
CA MET B 80 12.51 10.23 11.29
C MET B 80 11.19 9.84 10.66
N LEU B 81 10.68 10.71 9.79
CA LEU B 81 9.41 10.45 9.13
C LEU B 81 9.67 10.02 7.70
N GLU B 82 8.97 8.97 7.27
CA GLU B 82 9.13 8.51 5.90
C GLU B 82 8.20 9.31 5.01
N LYS B 83 6.97 9.53 5.49
CA LYS B 83 5.98 10.26 4.73
C LYS B 83 4.90 10.88 5.61
N ILE B 84 4.35 12.00 5.16
CA ILE B 84 3.27 12.69 5.87
C ILE B 84 2.04 12.63 4.97
N TYR B 85 0.87 12.49 5.60
CA TYR B 85 -0.39 12.42 4.86
C TYR B 85 -1.43 13.29 5.55
N ILE B 86 -1.84 14.35 4.87
CA ILE B 86 -2.82 15.28 5.40
C ILE B 86 -4.16 14.92 4.78
N HIS B 87 -5.24 15.06 5.56
CA HIS B 87 -6.57 14.73 5.04
C HIS B 87 -6.86 15.59 3.82
N PRO B 88 -7.16 14.96 2.68
CA PRO B 88 -7.44 15.78 1.50
C PRO B 88 -8.54 16.82 1.64
N ARG B 89 -9.46 16.64 2.57
N ARG B 89 -9.46 16.63 2.58
CA ARG B 89 -10.54 17.60 2.77
CA ARG B 89 -10.54 17.59 2.78
C ARG B 89 -10.30 18.55 3.94
C ARG B 89 -10.31 18.54 3.95
N TYR B 90 -9.06 18.62 4.41
CA TYR B 90 -8.70 19.50 5.51
C TYR B 90 -8.96 20.95 5.12
N ASN B 91 -9.70 21.69 5.96
CA ASN B 91 -10.02 23.09 5.67
C ASN B 91 -9.27 24.06 6.58
N TRP B 92 -8.17 24.62 6.09
CA TRP B 92 -7.38 25.57 6.90
C TRP B 92 -7.81 27.02 6.67
N ARG B 93 -8.63 27.25 5.66
CA ARG B 93 -9.11 28.60 5.37
C ARG B 93 -10.15 29.08 6.36
N GLU B 94 -11.09 28.19 6.65
CA GLU B 94 -12.21 28.52 7.53
C GLU B 94 -12.18 28.12 9.00
N ASN B 95 -12.52 26.87 9.27
CA ASN B 95 -12.66 26.38 10.64
C ASN B 95 -11.85 25.15 11.07
N LEU B 96 -10.75 24.85 10.39
CA LEU B 96 -9.95 23.69 10.76
C LEU B 96 -10.75 22.39 10.71
N ASP B 97 -11.67 22.29 9.77
CA ASP B 97 -12.48 21.09 9.61
C ASP B 97 -11.55 19.94 9.18
N ARG B 98 -11.80 18.74 9.69
CA ARG B 98 -11.01 17.56 9.37
C ARG B 98 -9.52 17.82 9.64
N ASP B 99 -9.25 18.36 10.83
CA ASP B 99 -7.91 18.69 11.26
C ASP B 99 -7.20 17.42 11.73
N ILE B 100 -6.77 16.60 10.78
CA ILE B 100 -6.12 15.35 11.08
C ILE B 100 -5.02 15.06 10.06
N ALA B 101 -3.97 14.36 10.49
CA ALA B 101 -2.87 13.97 9.60
C ALA B 101 -2.20 12.71 10.13
N LEU B 102 -1.65 11.92 9.22
CA LEU B 102 -0.93 10.68 9.56
C LEU B 102 0.56 10.80 9.18
N MET B 103 1.42 10.24 10.02
CA MET B 103 2.86 10.27 9.76
C MET B 103 3.43 8.86 9.87
N LYS B 104 4.11 8.41 8.82
CA LYS B 104 4.71 7.07 8.81
C LYS B 104 6.16 7.19 9.27
N LEU B 105 6.54 6.36 10.23
CA LEU B 105 7.90 6.38 10.76
C LEU B 105 8.86 5.69 9.80
N LYS B 106 10.02 6.29 9.59
CA LYS B 106 11.01 5.72 8.68
C LYS B 106 11.40 4.33 9.16
N LYS B 107 11.42 4.14 10.48
CA LYS B 107 11.75 2.85 11.06
C LYS B 107 10.92 2.61 12.31
N PRO B 108 10.22 1.46 12.38
CA PRO B 108 9.37 1.08 13.51
C PRO B 108 10.04 1.31 14.86
N VAL B 109 9.29 1.92 15.79
CA VAL B 109 9.85 2.16 17.11
C VAL B 109 9.56 0.92 17.94
N ALA B 110 10.40 0.66 18.94
CA ALA B 110 10.21 -0.51 19.80
C ALA B 110 9.43 -0.12 21.04
N PHE B 111 8.45 -0.94 21.41
CA PHE B 111 7.62 -0.66 22.58
C PHE B 111 8.37 -0.95 23.88
N SER B 112 8.02 -0.22 24.92
CA SER B 112 8.64 -0.39 26.22
C SER B 112 7.63 -0.01 27.29
N ASP B 113 8.12 0.19 28.51
CA ASP B 113 7.26 0.61 29.60
C ASP B 113 6.77 2.02 29.28
N TYR B 114 7.53 2.73 28.45
CA TYR B 114 7.21 4.12 28.10
C TYR B 114 6.65 4.31 26.69
N ILE B 115 6.63 3.26 25.89
CA ILE B 115 6.17 3.35 24.52
C ILE B 115 5.21 2.22 24.21
N HIS B 116 3.95 2.58 23.96
CA HIS B 116 2.91 1.61 23.67
C HIS B 116 1.78 2.35 22.95
N PRO B 117 1.19 1.72 21.91
CA PRO B 117 0.11 2.36 21.15
C PRO B 117 -1.27 2.40 21.81
N VAL B 118 -2.06 3.38 21.39
CA VAL B 118 -3.41 3.55 21.89
C VAL B 118 -4.35 2.93 20.86
N CYS B 119 -5.58 2.65 21.26
CA CYS B 119 -6.53 2.06 20.33
C CYS B 119 -7.38 3.10 19.64
N LEU B 120 -7.82 2.76 18.43
CA LEU B 120 -8.71 3.59 17.65
C LEU B 120 -10.08 2.94 17.82
N PRO B 121 -11.12 3.74 18.02
CA PRO B 121 -12.48 3.24 18.21
C PRO B 121 -13.20 2.71 16.97
N ASP B 122 -14.19 1.87 17.21
CA ASP B 122 -15.05 1.30 16.19
C ASP B 122 -16.36 2.05 16.36
N ARG B 123 -17.36 1.74 15.54
CA ARG B 123 -18.63 2.44 15.61
C ARG B 123 -19.35 2.35 16.94
N GLU B 124 -19.35 1.18 17.56
CA GLU B 124 -20.03 0.98 18.84
C GLU B 124 -19.36 1.74 19.98
N THR B 125 -18.04 1.60 20.10
CA THR B 125 -17.30 2.28 21.15
C THR B 125 -17.53 3.77 21.04
N ALA B 126 -17.44 4.29 19.82
CA ALA B 126 -17.63 5.70 19.54
C ALA B 126 -19.02 6.16 19.95
N ALA B 127 -20.03 5.39 19.57
CA ALA B 127 -21.41 5.72 19.90
C ALA B 127 -21.68 5.65 21.41
N SER B 128 -21.01 4.72 22.09
CA SER B 128 -21.19 4.53 23.52
C SER B 128 -20.45 5.52 24.42
N LEU B 129 -19.18 5.77 24.13
CA LEU B 129 -18.37 6.64 24.98
C LEU B 129 -18.46 8.12 24.70
N LEU B 130 -18.61 8.49 23.43
CA LEU B 130 -18.68 9.88 23.05
C LEU B 130 -20.06 10.50 23.29
N GLN B 131 -20.38 10.73 24.56
CA GLN B 131 -21.67 11.32 24.95
C GLN B 131 -21.49 12.38 26.03
N ALA B 132 -22.33 13.40 26.00
CA ALA B 132 -22.24 14.49 26.98
C ALA B 132 -22.16 13.97 28.41
N GLY B 133 -21.25 14.55 29.19
CA GLY B 133 -21.10 14.15 30.57
C GLY B 133 -20.03 13.12 30.82
N TYR B 134 -19.73 12.28 29.85
CA TYR B 134 -18.69 11.27 30.00
C TYR B 134 -17.38 12.02 29.83
N LYS B 135 -16.37 11.65 30.59
CA LYS B 135 -15.10 12.34 30.53
C LYS B 135 -13.99 11.61 29.82
N GLY B 136 -13.13 12.41 29.20
CA GLY B 136 -11.98 11.91 28.49
C GLY B 136 -10.78 12.59 29.09
N ARG B 137 -9.60 12.27 28.59
CA ARG B 137 -8.37 12.84 29.13
C ARG B 137 -7.50 13.41 28.00
N VAL B 138 -6.95 14.60 28.25
CA VAL B 138 -6.10 15.27 27.29
C VAL B 138 -4.74 15.47 27.93
N THR B 139 -3.69 15.30 27.13
CA THR B 139 -2.32 15.44 27.57
C THR B 139 -1.51 16.30 26.60
N GLY B 140 -0.40 16.84 27.08
CA GLY B 140 0.43 17.66 26.23
C GLY B 140 1.42 18.53 26.98
N TRP B 141 2.39 19.05 26.23
CA TRP B 141 3.42 19.91 26.79
C TRP B 141 3.15 21.37 26.46
N GLY B 142 1.92 21.67 26.04
CA GLY B 142 1.54 23.02 25.66
C GLY B 142 1.49 24.01 26.81
N ASN B 143 1.07 25.24 26.49
CA ASN B 143 1.00 26.31 27.48
C ASN B 143 0.09 26.08 28.68
N LEU B 144 0.52 26.60 29.82
CA LEU B 144 -0.21 26.47 31.07
C LEU B 144 -1.35 27.46 31.22
N LYS B 145 -1.31 28.54 30.43
CA LYS B 145 -2.36 29.56 30.50
C LYS B 145 -2.48 30.29 29.17
N GLU B 146 -3.62 30.93 28.96
CA GLU B 146 -3.83 31.67 27.73
C GLU B 146 -2.86 32.84 27.62
N THR B 147 -2.72 33.57 28.71
CA THR B 147 -1.84 34.74 28.76
C THR B 147 -0.79 34.61 29.85
N GLY B 155 5.81 29.50 31.87
CA GLY B 155 4.80 29.48 30.81
C GLY B 155 4.56 28.06 30.30
N GLN B 156 5.64 27.31 30.16
CA GLN B 156 5.59 25.93 29.69
C GLN B 156 5.94 25.03 30.86
N PRO B 157 5.30 23.86 30.96
CA PRO B 157 5.59 22.96 32.06
C PRO B 157 6.90 22.22 31.86
N SER B 158 7.45 21.67 32.93
CA SER B 158 8.69 20.91 32.81
C SER B 158 8.38 19.48 32.39
N VAL B 159 7.22 18.96 32.77
CA VAL B 159 6.84 17.60 32.39
C VAL B 159 5.44 17.55 31.77
N LEU B 160 5.16 16.46 31.06
CA LEU B 160 3.88 16.25 30.41
C LEU B 160 2.72 16.57 31.36
N GLN B 161 1.73 17.31 30.86
CA GLN B 161 0.56 17.66 31.66
C GLN B 161 -0.66 16.82 31.28
N VAL B 162 -1.57 16.67 32.24
CA VAL B 162 -2.78 15.88 32.03
C VAL B 162 -4.00 16.50 32.69
N VAL B 163 -5.15 16.32 32.05
CA VAL B 163 -6.40 16.84 32.60
C VAL B 163 -7.57 16.08 32.02
N ASN B 164 -8.56 15.79 32.87
CA ASN B 164 -9.77 15.09 32.45
C ASN B 164 -10.88 16.10 32.23
N LEU B 165 -11.62 15.94 31.15
CA LEU B 165 -12.68 16.88 30.82
C LEU B 165 -13.92 16.18 30.32
N PRO B 166 -15.11 16.73 30.66
CA PRO B 166 -16.38 16.15 30.24
C PRO B 166 -16.74 16.53 28.81
N ILE B 167 -17.31 15.57 28.07
CA ILE B 167 -17.75 15.81 26.71
C ILE B 167 -18.95 16.74 26.84
N VAL B 168 -19.06 17.70 25.94
CA VAL B 168 -20.17 18.65 25.98
C VAL B 168 -21.16 18.37 24.86
N GLU B 169 -22.43 18.69 25.14
CA GLU B 169 -23.50 18.46 24.20
C GLU B 169 -23.31 19.35 22.96
N ARG B 170 -23.51 18.78 21.78
CA ARG B 170 -23.35 19.48 20.53
C ARG B 170 -24.06 20.85 20.45
N PRO B 171 -25.34 20.94 20.82
CA PRO B 171 -26.03 22.23 20.75
C PRO B 171 -25.34 23.28 21.62
N VAL B 172 -24.76 22.82 22.72
CA VAL B 172 -24.04 23.72 23.64
C VAL B 172 -22.70 24.11 23.02
N CYS B 173 -22.08 23.18 22.29
CA CYS B 173 -20.81 23.49 21.64
C CYS B 173 -21.10 24.53 20.56
N LYS B 174 -22.17 24.30 19.80
CA LYS B 174 -22.55 25.19 18.72
C LYS B 174 -22.94 26.60 19.17
N ASP B 175 -23.73 26.70 20.23
CA ASP B 175 -24.15 28.00 20.73
C ASP B 175 -23.04 28.74 21.46
N SER B 176 -21.94 28.05 21.73
CA SER B 176 -20.84 28.66 22.47
C SER B 176 -19.91 29.51 21.62
N THR B 177 -20.00 29.37 20.30
CA THR B 177 -19.11 30.10 19.41
C THR B 177 -19.79 30.51 18.12
N ARG B 178 -19.23 31.52 17.44
CA ARG B 178 -19.81 31.96 16.16
C ARG B 178 -19.09 31.22 15.06
N ILE B 179 -18.02 30.52 15.42
CA ILE B 179 -17.27 29.74 14.44
C ILE B 179 -18.19 28.61 14.02
N ARG B 180 -18.16 28.27 12.74
CA ARG B 180 -19.00 27.20 12.22
C ARG B 180 -18.37 25.87 12.57
N ILE B 181 -19.08 25.06 13.36
CA ILE B 181 -18.53 23.78 13.74
C ILE B 181 -19.14 22.69 12.87
N THR B 182 -18.46 21.55 12.78
CA THR B 182 -18.95 20.44 11.94
C THR B 182 -19.01 19.12 12.71
N ASP B 183 -19.63 18.13 12.09
CA ASP B 183 -19.73 16.80 12.65
C ASP B 183 -18.37 16.14 12.85
N ASN B 184 -17.34 16.73 12.25
CA ASN B 184 -15.99 16.19 12.36
C ASN B 184 -15.25 16.70 13.58
N MET B 185 -15.97 17.38 14.46
CA MET B 185 -15.39 17.91 15.69
C MET B 185 -16.34 17.60 16.82
N PHE B 186 -15.83 17.66 18.04
CA PHE B 186 -16.66 17.52 19.23
C PHE B 186 -15.97 18.46 20.22
N CYS B 187 -16.68 18.91 21.24
CA CYS B 187 -16.03 19.81 22.20
C CYS B 187 -16.10 19.26 23.63
N ALA B 188 -15.17 19.69 24.47
CA ALA B 188 -15.12 19.24 25.85
C ALA B 188 -14.67 20.35 26.76
N GLY B 189 -15.08 20.27 28.02
CA GLY B 189 -14.74 21.26 29.01
C GLY B 189 -15.91 21.45 29.97
N TYR B 190 -15.63 22.00 31.14
CA TYR B 190 -16.67 22.23 32.13
C TYR B 190 -17.49 23.46 31.77
N LYS B 191 -18.75 23.45 32.17
CA LYS B 191 -19.64 24.56 31.93
C LYS B 191 -19.39 25.55 33.07
N PRO B 192 -19.78 26.82 32.87
CA PRO B 192 -19.53 27.77 33.94
C PRO B 192 -20.21 27.38 35.26
N ASP B 193 -21.49 27.01 35.19
CA ASP B 193 -22.23 26.62 36.37
C ASP B 193 -21.72 25.32 37.01
N GLU B 194 -20.63 24.76 36.50
CA GLU B 194 -20.07 23.53 37.05
C GLU B 194 -18.91 23.74 38.00
N GLY B 195 -18.36 24.95 38.04
CA GLY B 195 -17.27 25.25 38.95
C GLY B 195 -15.86 24.89 38.49
N LYS B 196 -15.60 23.61 38.28
CA LYS B 196 -14.29 23.15 37.86
C LYS B 196 -13.87 23.69 36.49
N ARG B 197 -12.57 23.60 36.20
CA ARG B 197 -12.08 24.06 34.91
C ARG B 197 -10.94 23.20 34.38
N GLY B 198 -10.38 23.61 33.24
CA GLY B 198 -9.30 22.84 32.64
C GLY B 198 -9.50 22.91 31.14
N ASP B 199 -8.42 22.81 30.38
CA ASP B 199 -8.52 22.92 28.94
C ASP B 199 -7.17 22.64 28.31
N ALA B 200 -7.16 22.43 27.01
CA ALA B 200 -5.90 22.23 26.31
C ALA B 200 -5.51 23.66 25.90
N CYS B 201 -4.29 23.87 25.42
CA CYS B 201 -3.92 25.22 25.01
C CYS B 201 -2.91 25.22 23.89
N GLU B 202 -2.46 26.39 23.45
CA GLU B 202 -1.48 26.47 22.38
C GLU B 202 -0.27 25.61 22.72
N GLY B 203 0.11 24.74 21.79
CA GLY B 203 1.23 23.85 22.02
C GLY B 203 0.77 22.40 22.21
N ASP B 204 -0.50 22.20 22.54
CA ASP B 204 -1.05 20.86 22.75
C ASP B 204 -1.67 20.25 21.49
N ALA B 205 -1.90 21.05 20.46
CA ALA B 205 -2.53 20.51 19.24
C ALA B 205 -1.82 19.25 18.77
N GLY B 206 -2.59 18.34 18.18
CA GLY B 206 -2.01 17.09 17.71
C GLY B 206 -2.11 16.02 18.78
N GLY B 207 -2.15 16.45 20.03
CA GLY B 207 -2.25 15.52 21.15
C GLY B 207 -3.55 14.73 21.18
N PRO B 208 -3.56 13.58 21.88
CA PRO B 208 -4.76 12.75 21.97
C PRO B 208 -5.75 13.04 23.10
N PHE B 209 -7.03 12.87 22.80
CA PHE B 209 -8.11 13.03 23.77
C PHE B 209 -8.51 11.57 23.89
N VAL B 210 -8.20 10.96 25.03
CA VAL B 210 -8.50 9.54 25.19
C VAL B 210 -9.56 9.21 26.23
N MET B 211 -10.16 8.04 26.08
CA MET B 211 -11.19 7.58 26.98
C MET B 211 -10.96 6.11 27.30
N LYS B 212 -11.27 5.70 28.53
CA LYS B 212 -11.11 4.29 28.88
C LYS B 212 -12.44 3.60 28.72
N SER B 213 -12.42 2.48 28.00
CA SER B 213 -13.62 1.70 27.80
C SER B 213 -13.87 0.86 29.03
N PRO B 214 -15.08 0.92 29.59
CA PRO B 214 -15.34 0.11 30.77
C PRO B 214 -15.63 -1.34 30.35
N PHE B 215 -15.74 -1.56 29.05
N PHE B 215 -15.76 -1.56 29.04
CA PHE B 215 -16.03 -2.88 28.51
CA PHE B 215 -16.03 -2.90 28.53
C PHE B 215 -14.80 -3.79 28.48
C PHE B 215 -14.79 -3.78 28.53
N ASN B 216 -13.67 -3.25 28.06
CA ASN B 216 -12.43 -4.03 27.99
C ASN B 216 -11.25 -3.39 28.71
N ASN B 217 -11.50 -2.31 29.44
CA ASN B 217 -10.44 -1.64 30.20
C ASN B 217 -9.32 -1.04 29.32
N ARG B 218 -9.58 -0.86 28.03
CA ARG B 218 -8.55 -0.29 27.17
C ARG B 218 -8.76 1.20 26.89
N TRP B 219 -7.68 1.88 26.57
CA TRP B 219 -7.72 3.30 26.25
C TRP B 219 -7.90 3.51 24.75
N TYR B 220 -8.91 4.32 24.40
CA TYR B 220 -9.22 4.63 23.01
C TYR B 220 -9.04 6.13 22.72
N GLN B 221 -8.41 6.48 21.60
CA GLN B 221 -8.25 7.88 21.25
C GLN B 221 -9.51 8.27 20.48
N MET B 222 -10.30 9.17 21.06
CA MET B 222 -11.52 9.61 20.41
C MET B 222 -11.32 10.93 19.66
N GLY B 223 -10.30 11.68 20.07
CA GLY B 223 -10.06 12.95 19.41
C GLY B 223 -8.63 13.43 19.36
N ILE B 224 -8.45 14.53 18.66
CA ILE B 224 -7.16 15.17 18.50
C ILE B 224 -7.34 16.62 18.93
N VAL B 225 -6.45 17.13 19.77
CA VAL B 225 -6.56 18.52 20.19
C VAL B 225 -6.48 19.33 18.92
N SER B 226 -7.47 20.17 18.69
CA SER B 226 -7.48 20.96 17.46
C SER B 226 -7.40 22.48 17.64
N TRP B 227 -8.46 23.06 18.19
CA TRP B 227 -8.54 24.50 18.38
C TRP B 227 -9.48 24.90 19.51
N GLY B 228 -9.56 26.21 19.73
CA GLY B 228 -10.42 26.80 20.74
C GLY B 228 -10.35 28.31 20.56
N GLU B 229 -10.89 29.06 21.51
CA GLU B 229 -10.83 30.52 21.46
C GLU B 229 -10.28 30.89 22.81
N GLY B 230 -8.98 31.19 22.82
CA GLY B 230 -8.32 31.50 24.07
C GLY B 230 -8.16 30.14 24.73
N CYS B 231 -7.84 30.13 26.02
CA CYS B 231 -7.70 28.88 26.75
C CYS B 231 -8.39 28.99 28.10
N ASP B 232 -9.29 28.04 28.38
CA ASP B 232 -10.01 27.96 29.64
C ASP B 232 -10.91 29.14 29.99
N ARG B 233 -11.54 29.76 28.98
CA ARG B 233 -12.44 30.88 29.24
C ARG B 233 -13.81 30.34 29.60
N ASP B 234 -14.57 31.08 30.39
CA ASP B 234 -15.89 30.64 30.78
C ASP B 234 -16.84 30.70 29.60
N GLY B 235 -17.68 29.68 29.49
CA GLY B 235 -18.64 29.63 28.41
C GLY B 235 -18.01 29.20 27.10
N LYS B 236 -16.74 28.81 27.14
CA LYS B 236 -16.05 28.38 25.93
C LYS B 236 -15.53 26.95 26.10
N TYR B 237 -15.38 26.23 24.99
CA TYR B 237 -14.93 24.84 25.05
C TYR B 237 -13.84 24.51 24.04
N GLY B 238 -12.96 23.57 24.40
CA GLY B 238 -11.92 23.16 23.50
C GLY B 238 -12.54 22.26 22.44
N PHE B 239 -12.02 22.31 21.22
CA PHE B 239 -12.55 21.48 20.16
C PHE B 239 -11.54 20.43 19.74
N TYR B 240 -12.06 19.26 19.40
CA TYR B 240 -11.22 18.15 19.01
C TYR B 240 -11.73 17.49 17.74
N THR B 241 -10.79 17.03 16.92
CA THR B 241 -11.11 16.33 15.69
C THR B 241 -11.74 15.01 16.11
N HIS B 242 -12.90 14.70 15.53
CA HIS B 242 -13.64 13.48 15.82
C HIS B 242 -12.91 12.39 15.03
N VAL B 243 -12.11 11.59 15.72
CA VAL B 243 -11.33 10.56 15.05
C VAL B 243 -12.11 9.49 14.34
N PHE B 244 -13.10 8.90 15.00
CA PHE B 244 -13.87 7.86 14.34
C PHE B 244 -14.53 8.36 13.06
N ARG B 245 -15.04 9.60 13.10
N ARG B 245 -15.02 9.60 13.09
CA ARG B 245 -15.70 10.19 11.95
CA ARG B 245 -15.71 10.13 11.92
C ARG B 245 -14.82 10.22 10.69
C ARG B 245 -14.82 10.17 10.69
N LEU B 246 -13.51 10.21 10.90
CA LEU B 246 -12.56 10.25 9.80
C LEU B 246 -11.80 8.93 9.61
N LYS B 247 -12.28 7.87 10.23
CA LYS B 247 -11.62 6.59 10.14
C LYS B 247 -11.54 6.05 8.70
N LYS B 248 -12.52 6.38 7.87
CA LYS B 248 -12.50 5.91 6.49
C LYS B 248 -11.22 6.36 5.82
N TRP B 249 -10.82 7.60 6.08
CA TRP B 249 -9.61 8.16 5.50
C TRP B 249 -8.36 7.57 6.16
N ILE B 250 -8.45 7.31 7.46
CA ILE B 250 -7.32 6.75 8.18
C ILE B 250 -7.02 5.36 7.62
N GLN B 251 -8.07 4.61 7.35
CA GLN B 251 -7.93 3.26 6.82
C GLN B 251 -7.40 3.25 5.40
N LYS B 252 -7.89 4.17 4.57
CA LYS B 252 -7.46 4.26 3.18
C LYS B 252 -5.97 4.54 3.06
N VAL B 253 -5.53 5.60 3.74
CA VAL B 253 -4.12 5.98 3.73
C VAL B 253 -3.21 4.85 4.18
N ILE B 254 -3.58 4.20 5.28
CA ILE B 254 -2.76 3.12 5.80
C ILE B 254 -2.74 1.91 4.86
N ASP B 255 -3.83 1.71 4.14
CA ASP B 255 -3.93 0.59 3.22
C ASP B 255 -3.06 0.73 1.99
N GLN B 256 -2.92 1.94 1.46
CA GLN B 256 -2.13 2.11 0.25
C GLN B 256 -0.72 2.67 0.41
N PHE B 257 -0.33 3.03 1.62
CA PHE B 257 1.02 3.57 1.84
C PHE B 257 1.72 2.91 3.02
N GLY B 258 1.02 1.99 3.69
CA GLY B 258 1.57 1.33 4.86
C GLY B 258 2.75 0.40 4.68
N GLU B 259 2.64 -0.56 3.76
CA GLU B 259 3.72 -1.51 3.55
C GLU B 259 4.98 -0.85 3.01
N SER C 4 -46.93 -3.68 4.17
CA SER C 4 -45.51 -3.73 3.69
C SER C 4 -44.56 -3.13 4.72
N GLU C 5 -43.59 -3.94 5.13
CA GLU C 5 -42.58 -3.54 6.11
C GLU C 5 -41.56 -2.59 5.48
N TYR C 6 -41.46 -1.38 6.03
CA TYR C 6 -40.50 -0.40 5.53
C TYR C 6 -40.08 0.60 6.59
N GLN C 7 -38.79 0.63 6.90
CA GLN C 7 -38.28 1.54 7.90
C GLN C 7 -37.80 2.81 7.20
N THR C 8 -38.31 3.97 7.63
CA THR C 8 -37.91 5.23 7.01
C THR C 8 -36.47 5.56 7.35
N PHE C 9 -35.81 6.33 6.48
CA PHE C 9 -34.42 6.72 6.67
C PHE C 9 -34.28 8.23 6.77
N PHE C 10 -35.14 8.97 6.09
CA PHE C 10 -35.06 10.42 6.09
C PHE C 10 -36.06 11.10 7.03
N ASN C 11 -35.81 12.38 7.29
CA ASN C 11 -36.66 13.19 8.16
C ASN C 11 -37.54 14.03 7.25
N PRO C 12 -38.86 13.78 7.24
CA PRO C 12 -39.74 14.56 6.36
C PRO C 12 -39.64 16.07 6.53
N ARG C 13 -38.92 16.53 7.54
CA ARG C 13 -38.76 17.96 7.76
C ARG C 13 -37.87 18.54 6.66
N THR C 14 -36.94 17.72 6.15
CA THR C 14 -36.04 18.15 5.07
C THR C 14 -36.29 17.30 3.82
N PHE C 15 -36.95 16.16 4.00
CA PHE C 15 -37.21 15.24 2.90
C PHE C 15 -38.57 15.42 2.25
N GLY C 16 -39.51 16.03 2.97
CA GLY C 16 -40.84 16.18 2.42
C GLY C 16 -41.56 14.89 2.77
N SER C 17 -42.76 14.69 2.26
CA SER C 17 -43.48 13.47 2.58
C SER C 17 -43.47 12.43 1.47
N GLY C 18 -43.86 11.21 1.82
CA GLY C 18 -43.92 10.13 0.86
C GLY C 18 -43.01 8.94 1.08
N GLU C 19 -42.01 9.04 1.94
CA GLU C 19 -41.12 7.89 2.13
C GLU C 19 -41.78 6.68 2.77
N ALA C 20 -42.69 6.91 3.71
CA ALA C 20 -43.38 5.83 4.40
C ALA C 20 -44.15 4.89 3.46
N ASP C 21 -44.76 5.46 2.44
CA ASP C 21 -45.52 4.65 1.49
C ASP C 21 -44.81 4.51 0.14
N CYS C 22 -43.49 4.69 0.13
CA CYS C 22 -42.70 4.59 -1.10
C CYS C 22 -42.75 3.20 -1.74
N GLY C 23 -42.54 3.15 -3.05
CA GLY C 23 -42.50 1.88 -3.77
C GLY C 23 -43.75 1.05 -3.98
N LEU C 24 -44.91 1.53 -3.51
CA LEU C 24 -46.15 0.79 -3.70
C LEU C 24 -47.02 1.59 -4.67
N ARG C 25 -47.31 1.02 -5.84
CA ARG C 25 -48.08 1.70 -6.87
C ARG C 25 -49.60 1.64 -6.74
N PRO C 26 -50.26 2.80 -6.63
CA PRO C 26 -51.72 2.90 -6.50
C PRO C 26 -52.50 1.97 -7.43
N LEU C 27 -52.04 1.81 -8.66
CA LEU C 27 -52.74 0.96 -9.62
C LEU C 27 -52.26 -0.49 -9.69
N PHE C 28 -51.36 -0.87 -8.80
CA PHE C 28 -50.89 -2.25 -8.82
C PHE C 28 -50.80 -2.87 -7.43
N GLU C 29 -49.77 -2.53 -6.65
CA GLU C 29 -49.65 -3.08 -5.31
C GLU C 29 -50.90 -2.73 -4.47
N LYS C 30 -51.37 -1.50 -4.56
CA LYS C 30 -52.53 -1.06 -3.79
C LYS C 30 -53.83 -1.73 -4.24
N LYS C 31 -53.82 -2.31 -5.42
CA LYS C 31 -55.01 -2.98 -5.96
C LYS C 31 -54.73 -4.45 -6.18
N SER C 32 -53.73 -4.98 -5.49
CA SER C 32 -53.37 -6.39 -5.63
C SER C 32 -53.35 -6.80 -7.09
N LEU C 33 -52.71 -5.98 -7.91
CA LEU C 33 -52.59 -6.25 -9.34
C LEU C 33 -51.12 -6.21 -9.76
N GLU C 34 -50.71 -7.17 -10.58
CA GLU C 34 -49.35 -7.22 -11.08
C GLU C 34 -49.33 -6.58 -12.46
N ASP C 35 -48.20 -6.01 -12.87
CA ASP C 35 -48.13 -5.45 -14.20
C ASP C 35 -47.73 -6.59 -15.12
N LYS C 36 -47.88 -6.37 -16.42
CA LYS C 36 -47.58 -7.37 -17.42
C LYS C 36 -46.22 -8.06 -17.38
N THR C 37 -45.18 -7.40 -16.88
CA THR C 37 -43.87 -8.07 -16.87
C THR C 37 -43.14 -8.21 -15.55
N GLU C 38 -43.74 -7.81 -14.44
CA GLU C 38 -43.03 -7.91 -13.18
C GLU C 38 -42.74 -9.34 -12.75
N ARG C 39 -43.58 -10.28 -13.16
CA ARG C 39 -43.36 -11.68 -12.83
C ARG C 39 -41.93 -12.07 -13.24
N GLU C 40 -41.50 -11.56 -14.40
CA GLU C 40 -40.17 -11.84 -14.90
C GLU C 40 -39.07 -11.42 -13.94
N LEU C 41 -39.32 -10.39 -13.14
CA LEU C 41 -38.32 -9.93 -12.19
C LEU C 41 -38.22 -10.91 -11.01
N LEU C 42 -39.35 -11.30 -10.43
CA LEU C 42 -39.30 -12.24 -9.30
C LEU C 42 -38.69 -13.59 -9.68
N GLU C 43 -38.94 -14.04 -10.90
CA GLU C 43 -38.39 -15.32 -11.35
C GLU C 43 -36.88 -15.26 -11.46
N SER C 44 -36.35 -14.05 -11.62
CA SER C 44 -34.91 -13.90 -11.78
C SER C 44 -34.18 -14.09 -10.46
N TYR C 45 -34.90 -14.17 -9.36
CA TYR C 45 -34.22 -14.34 -8.07
C TYR C 45 -33.83 -15.76 -7.70
N ILE C 46 -33.86 -16.68 -8.65
CA ILE C 46 -33.49 -18.05 -8.37
C ILE C 46 -32.01 -18.13 -7.99
N ASP C 47 -31.73 -18.78 -6.87
CA ASP C 47 -30.35 -18.94 -6.41
C ASP C 47 -29.92 -20.39 -6.54
N GLY C 48 -29.15 -20.70 -7.57
CA GLY C 48 -28.66 -22.05 -7.75
C GLY C 48 -27.70 -22.30 -6.60
N ARG C 49 -27.71 -23.50 -6.04
CA ARG C 49 -26.83 -23.76 -4.91
C ARG C 49 -25.51 -24.41 -5.32
N ILE D 1 -35.20 3.73 -25.02
CA ILE D 1 -35.12 2.30 -24.62
C ILE D 1 -35.14 1.41 -25.88
N VAL D 2 -34.20 0.47 -25.95
CA VAL D 2 -34.13 -0.42 -27.10
C VAL D 2 -34.64 -1.82 -26.73
N GLU D 3 -35.50 -2.37 -27.58
CA GLU D 3 -36.07 -3.70 -27.38
C GLU D 3 -37.01 -3.81 -26.19
N GLY D 4 -37.64 -2.70 -25.81
CA GLY D 4 -38.56 -2.72 -24.69
C GLY D 4 -39.99 -2.70 -25.21
N SER D 5 -40.93 -2.25 -24.38
CA SER D 5 -42.32 -2.20 -24.78
C SER D 5 -43.04 -1.06 -24.08
N ASP D 6 -44.22 -0.73 -24.58
CA ASP D 6 -45.04 0.34 -24.01
C ASP D 6 -45.34 0.04 -22.55
N ALA D 7 -45.18 1.05 -21.70
CA ALA D 7 -45.47 0.89 -20.28
C ALA D 7 -46.98 0.96 -20.07
N GLU D 8 -47.45 0.38 -18.97
CA GLU D 8 -48.87 0.42 -18.67
C GLU D 8 -49.10 1.68 -17.85
N ILE D 9 -50.33 2.17 -17.83
CA ILE D 9 -50.64 3.38 -17.08
C ILE D 9 -50.35 3.16 -15.60
N GLY D 10 -49.67 4.12 -14.98
CA GLY D 10 -49.34 4.02 -13.56
C GLY D 10 -48.31 2.95 -13.23
N MET D 11 -47.73 2.35 -14.25
CA MET D 11 -46.74 1.30 -14.07
C MET D 11 -45.43 1.81 -13.47
N SER D 12 -45.11 3.08 -13.73
CA SER D 12 -43.89 3.67 -13.22
C SER D 12 -44.20 5.10 -12.75
N PRO D 13 -45.02 5.23 -11.71
CA PRO D 13 -45.44 6.52 -11.15
C PRO D 13 -44.35 7.45 -10.61
N TRP D 14 -43.10 6.97 -10.56
CA TRP D 14 -41.99 7.78 -10.06
C TRP D 14 -41.10 8.29 -11.19
N GLN D 15 -41.45 7.93 -12.42
CA GLN D 15 -40.71 8.34 -13.61
C GLN D 15 -40.96 9.82 -13.85
N VAL D 16 -39.87 10.60 -13.94
CA VAL D 16 -39.97 12.03 -14.18
C VAL D 16 -39.32 12.41 -15.50
N MET D 17 -39.88 13.43 -16.15
CA MET D 17 -39.35 13.89 -17.42
C MET D 17 -38.72 15.27 -17.19
N LEU D 18 -37.43 15.41 -17.53
CA LEU D 18 -36.73 16.68 -17.37
C LEU D 18 -36.97 17.40 -18.70
N PHE D 19 -37.54 18.59 -18.63
CA PHE D 19 -37.87 19.35 -19.83
C PHE D 19 -37.15 20.71 -19.88
N ARG D 20 -36.67 21.07 -21.07
CA ARG D 20 -36.01 22.36 -21.24
C ARG D 20 -37.06 23.37 -21.69
N LYS D 21 -37.09 24.53 -21.04
CA LYS D 21 -38.05 25.58 -21.37
C LYS D 21 -37.82 26.21 -22.75
N SER D 22 -36.58 26.57 -23.05
CA SER D 22 -36.25 27.22 -24.33
C SER D 22 -34.92 26.82 -24.97
N PRO D 23 -34.97 26.13 -26.11
CA PRO D 23 -36.22 25.73 -26.76
C PRO D 23 -36.89 24.65 -25.92
N GLN D 24 -38.14 24.32 -26.26
CA GLN D 24 -38.87 23.30 -25.49
C GLN D 24 -38.44 21.93 -25.97
N GLU D 25 -37.76 21.17 -25.13
CA GLU D 25 -37.33 19.85 -25.53
C GLU D 25 -37.15 18.87 -24.38
N LEU D 26 -37.45 17.59 -24.66
CA LEU D 26 -37.30 16.52 -23.71
C LEU D 26 -35.77 16.43 -23.50
N LEU D 27 -35.31 16.58 -22.26
CA LEU D 27 -33.89 16.52 -21.99
C LEU D 27 -33.39 15.18 -21.47
N CYS D 28 -34.06 14.67 -20.44
CA CYS D 28 -33.66 13.43 -19.79
C CYS D 28 -34.81 12.83 -18.99
N GLY D 29 -34.47 11.77 -18.26
CA GLY D 29 -35.40 11.10 -17.40
C GLY D 29 -34.96 11.49 -16.00
N ALA D 30 -35.77 11.15 -15.00
CA ALA D 30 -35.47 11.43 -13.60
C ALA D 30 -36.45 10.62 -12.77
N SER D 31 -36.29 10.62 -11.45
CA SER D 31 -37.19 9.87 -10.59
C SER D 31 -37.62 10.63 -9.36
N LEU D 32 -38.85 10.39 -8.93
CA LEU D 32 -39.44 11.02 -7.76
C LEU D 32 -39.16 10.19 -6.51
N ILE D 33 -38.55 10.78 -5.49
CA ILE D 33 -38.29 10.04 -4.26
C ILE D 33 -39.08 10.61 -3.08
N SER D 34 -39.72 11.76 -3.30
CA SER D 34 -40.55 12.38 -2.27
C SER D 34 -41.41 13.42 -2.94
N ASP D 35 -42.15 14.20 -2.16
CA ASP D 35 -43.01 15.21 -2.76
C ASP D 35 -42.27 16.48 -3.14
N ARG D 36 -40.98 16.57 -2.76
CA ARG D 36 -40.18 17.75 -3.08
C ARG D 36 -38.80 17.43 -3.67
N TRP D 37 -38.43 16.16 -3.74
CA TRP D 37 -37.12 15.78 -4.26
C TRP D 37 -37.15 14.87 -5.47
N VAL D 38 -36.32 15.22 -6.46
CA VAL D 38 -36.19 14.44 -7.69
C VAL D 38 -34.73 14.06 -7.89
N LEU D 39 -34.51 12.85 -8.41
CA LEU D 39 -33.17 12.33 -8.64
C LEU D 39 -32.93 12.24 -10.15
N THR D 40 -31.73 12.55 -10.58
CA THR D 40 -31.38 12.47 -12.00
C THR D 40 -29.88 12.30 -12.11
N ALA D 41 -29.39 12.21 -13.35
CA ALA D 41 -27.97 12.04 -13.60
C ALA D 41 -27.30 13.41 -13.75
N ALA D 42 -26.12 13.57 -13.16
CA ALA D 42 -25.36 14.83 -13.22
C ALA D 42 -25.18 15.36 -14.63
N HIS D 43 -24.77 14.50 -15.56
CA HIS D 43 -24.53 14.95 -16.93
C HIS D 43 -25.78 15.39 -17.67
N CYS D 44 -26.94 15.22 -17.05
CA CYS D 44 -28.19 15.66 -17.65
C CYS D 44 -28.35 17.16 -17.42
N LEU D 45 -27.68 17.67 -16.38
CA LEU D 45 -27.75 19.07 -16.02
C LEU D 45 -26.48 19.82 -16.40
N LEU D 46 -25.35 19.13 -16.33
CA LEU D 46 -24.07 19.74 -16.65
C LEU D 46 -23.17 18.87 -17.51
N TYR D 47 -23.07 19.22 -18.79
CA TYR D 47 -22.20 18.51 -19.72
C TYR D 47 -21.80 19.43 -20.87
N PRO D 48 -20.83 20.33 -20.63
CA PRO D 48 -20.34 21.29 -21.63
C PRO D 48 -20.09 20.73 -23.05
N PRO D 49 -19.52 19.51 -23.16
CA PRO D 49 -19.28 18.97 -24.49
C PRO D 49 -20.56 18.99 -25.32
N TRP D 50 -21.70 18.98 -24.64
CA TRP D 50 -22.98 19.03 -25.31
C TRP D 50 -23.58 20.43 -25.18
N ASP D 51 -22.76 21.39 -24.79
CA ASP D 51 -23.22 22.76 -24.63
C ASP D 51 -24.34 22.84 -23.60
N LYS D 52 -24.35 21.88 -22.68
CA LYS D 52 -25.37 21.83 -21.64
C LYS D 52 -24.86 22.30 -20.28
N ASN D 53 -25.42 23.39 -19.80
CA ASN D 53 -25.07 23.96 -18.49
C ASN D 53 -26.32 24.69 -18.03
N PHE D 54 -27.19 23.96 -17.35
CA PHE D 54 -28.45 24.53 -16.88
C PHE D 54 -28.47 25.01 -15.45
N THR D 55 -29.50 25.80 -15.14
CA THR D 55 -29.74 26.30 -13.80
C THR D 55 -31.22 26.00 -13.56
N GLU D 56 -31.67 26.15 -12.33
CA GLU D 56 -33.06 25.88 -11.96
C GLU D 56 -34.05 26.54 -12.90
N ASN D 57 -33.77 27.78 -13.27
CA ASN D 57 -34.65 28.56 -14.11
C ASN D 57 -34.83 28.11 -15.56
N ASP D 58 -33.86 27.38 -16.11
CA ASP D 58 -33.98 26.91 -17.49
C ASP D 58 -34.79 25.62 -17.58
N LEU D 59 -34.96 24.95 -16.46
CA LEU D 59 -35.63 23.65 -16.45
C LEU D 59 -37.05 23.54 -15.94
N LEU D 60 -37.64 22.40 -16.27
CA LEU D 60 -39.01 22.07 -15.88
C LEU D 60 -39.07 20.55 -15.72
N VAL D 61 -39.83 20.09 -14.73
CA VAL D 61 -40.00 18.65 -14.55
C VAL D 61 -41.47 18.38 -14.79
N ARG D 62 -41.74 17.26 -15.45
CA ARG D 62 -43.10 16.86 -15.76
C ARG D 62 -43.29 15.47 -15.15
N ILE D 63 -44.13 15.41 -14.13
CA ILE D 63 -44.39 14.18 -13.38
C ILE D 63 -45.76 13.59 -13.70
N GLY D 64 -45.83 12.26 -13.76
CA GLY D 64 -47.08 11.59 -14.02
C GLY D 64 -47.42 11.37 -15.48
N LYS D 65 -46.40 11.43 -16.34
CA LYS D 65 -46.63 11.26 -17.76
C LYS D 65 -46.51 9.84 -18.31
N HIS D 66 -47.15 9.64 -19.46
CA HIS D 66 -47.13 8.36 -20.15
C HIS D 66 -46.74 8.67 -21.59
N SER D 67 -47.56 9.50 -22.24
CA SER D 67 -47.30 9.92 -23.61
C SER D 67 -46.05 10.80 -23.59
N ARG D 68 -45.19 10.65 -24.60
CA ARG D 68 -43.96 11.43 -24.69
C ARG D 68 -44.20 12.90 -25.05
N THR D 69 -45.04 13.12 -26.06
CA THR D 69 -45.33 14.46 -26.55
C THR D 69 -46.62 15.09 -26.10
N ARG D 70 -47.69 14.31 -26.06
CA ARG D 70 -49.01 14.82 -25.68
C ARG D 70 -49.10 15.30 -24.23
N TYR D 71 -49.59 16.52 -24.04
CA TYR D 71 -49.76 17.05 -22.69
C TYR D 71 -50.96 16.28 -22.13
N GLU D 72 -50.84 15.84 -20.89
CA GLU D 72 -51.89 15.05 -20.26
C GLU D 72 -52.58 15.79 -19.11
N ARG D 73 -53.70 16.41 -19.45
CA ARG D 73 -54.53 17.20 -18.55
C ARG D 73 -55.03 16.46 -17.30
N ASN D 74 -54.86 17.09 -16.14
CA ASN D 74 -55.28 16.53 -14.86
C ASN D 74 -54.65 15.19 -14.52
N ILE D 75 -53.57 14.85 -15.24
CA ILE D 75 -52.85 13.60 -15.02
C ILE D 75 -51.40 13.95 -14.71
N GLU D 76 -50.71 14.55 -15.68
CA GLU D 76 -49.33 14.94 -15.46
C GLU D 76 -49.32 16.23 -14.67
N LYS D 77 -48.17 16.56 -14.11
CA LYS D 77 -48.02 17.78 -13.34
C LYS D 77 -46.65 18.36 -13.62
N ILE D 78 -46.63 19.62 -14.03
CA ILE D 78 -45.39 20.32 -14.33
C ILE D 78 -44.98 21.08 -13.08
N SER D 79 -43.70 20.99 -12.72
CA SER D 79 -43.20 21.69 -11.55
C SER D 79 -41.90 22.43 -11.87
N MET D 80 -41.72 23.57 -11.21
CA MET D 80 -40.52 24.38 -11.37
C MET D 80 -39.54 23.89 -10.34
N LEU D 81 -38.27 24.27 -10.50
CA LEU D 81 -37.24 23.84 -9.58
C LEU D 81 -36.78 25.00 -8.71
N GLU D 82 -36.54 24.70 -7.44
CA GLU D 82 -36.07 25.71 -6.52
C GLU D 82 -34.55 25.77 -6.62
N LYS D 83 -33.92 24.60 -6.65
CA LYS D 83 -32.47 24.51 -6.72
C LYS D 83 -32.01 23.11 -7.17
N ILE D 84 -30.87 23.04 -7.83
CA ILE D 84 -30.34 21.75 -8.26
C ILE D 84 -29.00 21.59 -7.56
N TYR D 85 -28.62 20.35 -7.29
CA TYR D 85 -27.35 20.06 -6.61
C TYR D 85 -26.64 18.92 -7.31
N ILE D 86 -25.46 19.20 -7.81
CA ILE D 86 -24.67 18.22 -8.52
C ILE D 86 -23.63 17.64 -7.56
N HIS D 87 -23.38 16.34 -7.68
CA HIS D 87 -22.40 15.70 -6.79
C HIS D 87 -21.10 16.48 -6.88
N PRO D 88 -20.49 16.81 -5.73
CA PRO D 88 -19.24 17.58 -5.68
C PRO D 88 -18.02 16.98 -6.38
N ARG D 89 -18.01 15.68 -6.57
CA ARG D 89 -16.86 15.08 -7.21
C ARG D 89 -17.14 14.74 -8.66
N TYR D 90 -18.35 15.05 -9.13
CA TYR D 90 -18.70 14.82 -10.52
C TYR D 90 -17.80 15.76 -11.33
N ASN D 91 -17.16 15.23 -12.36
CA ASN D 91 -16.27 16.05 -13.20
C ASN D 91 -16.43 15.66 -14.66
N TRP D 92 -17.38 16.30 -15.34
CA TRP D 92 -17.64 16.00 -16.74
C TRP D 92 -16.36 15.98 -17.57
N ARG D 93 -15.36 16.78 -17.17
CA ARG D 93 -14.10 16.84 -17.90
C ARG D 93 -13.32 15.54 -17.95
N GLU D 94 -13.50 14.67 -16.96
CA GLU D 94 -12.76 13.42 -16.91
C GLU D 94 -13.53 12.13 -17.23
N ASN D 95 -14.75 12.02 -16.71
CA ASN D 95 -15.54 10.81 -16.93
C ASN D 95 -16.92 11.02 -16.34
N LEU D 96 -17.69 9.94 -16.26
CA LEU D 96 -19.03 10.01 -15.73
C LEU D 96 -19.21 9.34 -14.36
N ASP D 97 -18.14 9.34 -13.57
CA ASP D 97 -18.16 8.76 -12.22
C ASP D 97 -18.95 9.78 -11.39
N ARG D 98 -19.69 9.30 -10.40
CA ARG D 98 -20.52 10.16 -9.54
C ARG D 98 -21.54 10.89 -10.42
N ASP D 99 -22.02 10.21 -11.44
CA ASP D 99 -22.99 10.81 -12.35
C ASP D 99 -24.34 10.85 -11.64
N ILE D 100 -24.50 11.76 -10.69
CA ILE D 100 -25.76 11.85 -9.97
C ILE D 100 -26.05 13.29 -9.54
N ALA D 101 -27.32 13.65 -9.45
CA ALA D 101 -27.72 15.00 -9.04
C ALA D 101 -29.11 15.00 -8.42
N LEU D 102 -29.36 15.99 -7.56
CA LEU D 102 -30.65 16.14 -6.89
C LEU D 102 -31.29 17.47 -7.30
N MET D 103 -32.61 17.46 -7.43
CA MET D 103 -33.35 18.65 -7.80
C MET D 103 -34.49 18.86 -6.82
N LYS D 104 -34.52 20.02 -6.17
CA LYS D 104 -35.56 20.33 -5.21
C LYS D 104 -36.67 21.09 -5.93
N LEU D 105 -37.91 20.67 -5.74
CA LEU D 105 -39.05 21.30 -6.40
C LEU D 105 -39.45 22.64 -5.80
N LYS D 106 -39.93 23.56 -6.65
CA LYS D 106 -40.35 24.89 -6.19
C LYS D 106 -41.42 24.74 -5.12
N LYS D 107 -42.35 23.81 -5.36
CA LYS D 107 -43.43 23.52 -4.42
C LYS D 107 -43.75 22.02 -4.49
N PRO D 108 -44.18 21.44 -3.36
CA PRO D 108 -44.52 20.02 -3.27
C PRO D 108 -45.58 19.59 -4.27
N VAL D 109 -45.38 18.42 -4.88
CA VAL D 109 -46.31 17.88 -5.86
C VAL D 109 -47.25 16.92 -5.14
N ALA D 110 -48.51 16.90 -5.56
CA ALA D 110 -49.50 16.03 -4.93
C ALA D 110 -49.44 14.65 -5.58
N PHE D 111 -49.56 13.61 -4.78
CA PHE D 111 -49.51 12.26 -5.31
C PHE D 111 -50.86 11.89 -5.88
N SER D 112 -50.89 10.85 -6.69
CA SER D 112 -52.12 10.40 -7.30
C SER D 112 -51.88 8.99 -7.82
N ASP D 113 -52.76 8.54 -8.71
CA ASP D 113 -52.63 7.21 -9.29
C ASP D 113 -51.44 7.19 -10.23
N TYR D 114 -51.05 8.37 -10.71
CA TYR D 114 -49.95 8.48 -11.66
C TYR D 114 -48.67 9.08 -11.09
N ILE D 115 -48.75 9.58 -9.86
CA ILE D 115 -47.60 10.19 -9.21
C ILE D 115 -47.39 9.60 -7.83
N HIS D 116 -46.27 8.89 -7.66
CA HIS D 116 -45.94 8.24 -6.39
C HIS D 116 -44.42 8.01 -6.34
N PRO D 117 -43.77 8.40 -5.23
CA PRO D 117 -42.32 8.22 -5.11
C PRO D 117 -41.85 6.77 -5.00
N VAL D 118 -40.61 6.55 -5.39
CA VAL D 118 -39.98 5.23 -5.34
C VAL D 118 -39.16 5.16 -4.05
N CYS D 119 -38.75 3.96 -3.66
CA CYS D 119 -37.94 3.81 -2.46
C CYS D 119 -36.45 3.82 -2.80
N LEU D 120 -35.63 4.29 -1.88
CA LEU D 120 -34.18 4.27 -2.06
C LEU D 120 -33.71 3.16 -1.14
N PRO D 121 -32.83 2.27 -1.64
CA PRO D 121 -32.31 1.14 -0.87
C PRO D 121 -31.48 1.42 0.38
N ASP D 122 -31.58 0.49 1.33
CA ASP D 122 -30.81 0.53 2.56
C ASP D 122 -29.64 -0.42 2.26
N ARG D 123 -28.68 -0.51 3.16
CA ARG D 123 -27.54 -1.39 2.91
C ARG D 123 -27.89 -2.86 2.68
N GLU D 124 -28.84 -3.41 3.44
CA GLU D 124 -29.24 -4.81 3.27
C GLU D 124 -29.94 -5.05 1.94
N THR D 125 -30.91 -4.21 1.61
CA THR D 125 -31.63 -4.35 0.35
C THR D 125 -30.63 -4.27 -0.80
N ALA D 126 -29.69 -3.34 -0.69
CA ALA D 126 -28.67 -3.16 -1.72
C ALA D 126 -27.89 -4.45 -1.92
N ALA D 127 -27.25 -4.90 -0.84
CA ALA D 127 -26.46 -6.12 -0.87
C ALA D 127 -27.24 -7.33 -1.38
N SER D 128 -28.49 -7.44 -0.95
CA SER D 128 -29.33 -8.58 -1.33
C SER D 128 -29.87 -8.56 -2.75
N LEU D 129 -30.29 -7.39 -3.23
CA LEU D 129 -30.87 -7.30 -4.55
C LEU D 129 -29.90 -7.08 -5.70
N LEU D 130 -28.86 -6.30 -5.45
CA LEU D 130 -27.89 -6.00 -6.50
C LEU D 130 -26.90 -7.15 -6.70
N GLN D 131 -27.37 -8.23 -7.29
CA GLN D 131 -26.54 -9.40 -7.54
C GLN D 131 -26.61 -9.82 -8.99
N ALA D 132 -25.49 -10.31 -9.52
CA ALA D 132 -25.48 -10.74 -10.92
C ALA D 132 -26.59 -11.76 -11.13
N GLY D 133 -27.25 -11.70 -12.28
CA GLY D 133 -28.33 -12.63 -12.57
C GLY D 133 -29.71 -12.05 -12.32
N TYR D 134 -29.87 -11.35 -11.20
CA TYR D 134 -31.16 -10.75 -10.87
C TYR D 134 -31.46 -9.65 -11.90
N LYS D 135 -32.73 -9.47 -12.21
CA LYS D 135 -33.13 -8.48 -13.18
C LYS D 135 -33.80 -7.25 -12.56
N GLY D 136 -33.52 -6.12 -13.18
CA GLY D 136 -34.09 -4.86 -12.76
C GLY D 136 -34.88 -4.30 -13.93
N ARG D 137 -35.48 -3.14 -13.75
CA ARG D 137 -36.30 -2.54 -14.79
C ARG D 137 -35.87 -1.12 -15.12
N VAL D 138 -35.76 -0.82 -16.42
CA VAL D 138 -35.35 0.49 -16.89
C VAL D 138 -36.47 1.11 -17.72
N THR D 139 -36.80 2.36 -17.43
CA THR D 139 -37.86 3.07 -18.14
C THR D 139 -37.41 4.40 -18.75
N GLY D 140 -37.97 4.74 -19.90
CA GLY D 140 -37.57 5.99 -20.52
C GLY D 140 -38.25 6.32 -21.85
N TRP D 141 -38.10 7.58 -22.25
CA TRP D 141 -38.68 8.09 -23.48
C TRP D 141 -37.56 8.31 -24.51
N GLY D 142 -36.41 7.69 -24.28
CA GLY D 142 -35.27 7.85 -25.18
C GLY D 142 -35.39 7.12 -26.50
N ASN D 143 -34.34 7.18 -27.31
CA ASN D 143 -34.33 6.54 -28.62
C ASN D 143 -34.61 5.03 -28.58
N LEU D 144 -35.19 4.52 -29.65
CA LEU D 144 -35.53 3.10 -29.74
C LEU D 144 -34.38 2.29 -30.33
N LYS D 145 -33.36 2.99 -30.81
CA LYS D 145 -32.18 2.35 -31.39
C LYS D 145 -31.01 3.32 -31.44
N GLU D 146 -29.81 2.76 -31.57
CA GLU D 146 -28.60 3.57 -31.65
C GLU D 146 -28.69 4.43 -32.92
N THR D 147 -29.10 3.81 -34.03
CA THR D 147 -29.21 4.52 -35.29
C THR D 147 -30.64 5.01 -35.50
N GLY D 155 -36.57 8.24 -34.19
CA GLY D 155 -36.80 6.98 -33.51
C GLY D 155 -37.24 7.14 -32.07
N GLN D 156 -38.21 8.02 -31.83
CA GLN D 156 -38.73 8.25 -30.49
C GLN D 156 -40.05 7.52 -30.32
N PRO D 157 -40.33 7.04 -29.09
CA PRO D 157 -41.58 6.32 -28.84
C PRO D 157 -42.69 7.32 -28.52
N SER D 158 -43.94 6.94 -28.76
CA SER D 158 -45.04 7.85 -28.46
C SER D 158 -45.37 7.79 -26.96
N VAL D 159 -45.11 6.65 -26.34
CA VAL D 159 -45.36 6.49 -24.91
C VAL D 159 -44.15 5.91 -24.20
N LEU D 160 -44.07 6.12 -22.89
CA LEU D 160 -42.98 5.63 -22.06
C LEU D 160 -42.68 4.17 -22.35
N GLN D 161 -41.39 3.86 -22.48
CA GLN D 161 -40.94 2.50 -22.77
C GLN D 161 -40.34 1.85 -21.52
N VAL D 162 -40.39 0.52 -21.48
CA VAL D 162 -39.87 -0.23 -20.35
C VAL D 162 -39.20 -1.50 -20.82
N VAL D 163 -38.18 -1.93 -20.10
CA VAL D 163 -37.49 -3.16 -20.46
C VAL D 163 -36.83 -3.71 -19.19
N ASN D 164 -36.80 -5.02 -19.06
CA ASN D 164 -36.19 -5.64 -17.91
C ASN D 164 -34.84 -6.20 -18.33
N LEU D 165 -33.83 -6.01 -17.51
CA LEU D 165 -32.48 -6.47 -17.85
C LEU D 165 -31.74 -7.06 -16.67
N PRO D 166 -30.87 -8.04 -16.93
CA PRO D 166 -30.13 -8.65 -15.84
C PRO D 166 -28.86 -7.92 -15.45
N ILE D 167 -28.57 -7.95 -14.15
CA ILE D 167 -27.38 -7.34 -13.61
C ILE D 167 -26.22 -8.23 -14.03
N VAL D 168 -25.09 -7.61 -14.39
CA VAL D 168 -23.92 -8.34 -14.83
C VAL D 168 -22.79 -8.29 -13.80
N GLU D 169 -22.01 -9.36 -13.76
CA GLU D 169 -20.87 -9.47 -12.84
C GLU D 169 -19.88 -8.35 -13.15
N ARG D 170 -19.35 -7.71 -12.12
CA ARG D 170 -18.42 -6.60 -12.32
C ARG D 170 -17.24 -6.94 -13.25
N PRO D 171 -16.58 -8.08 -13.04
CA PRO D 171 -15.45 -8.44 -13.92
C PRO D 171 -15.85 -8.52 -15.38
N VAL D 172 -17.08 -8.93 -15.64
CA VAL D 172 -17.57 -9.04 -17.01
C VAL D 172 -17.86 -7.62 -17.54
N CYS D 173 -18.28 -6.72 -16.65
CA CYS D 173 -18.55 -5.34 -17.06
C CYS D 173 -17.23 -4.71 -17.47
N LYS D 174 -16.21 -4.93 -16.64
CA LYS D 174 -14.88 -4.40 -16.88
C LYS D 174 -14.20 -4.97 -18.12
N ASP D 175 -14.40 -6.26 -18.39
CA ASP D 175 -13.77 -6.87 -19.56
C ASP D 175 -14.47 -6.49 -20.85
N SER D 176 -15.66 -5.91 -20.74
CA SER D 176 -16.43 -5.53 -21.93
C SER D 176 -16.07 -4.16 -22.49
N THR D 177 -15.28 -3.39 -21.78
CA THR D 177 -14.94 -2.06 -22.26
C THR D 177 -13.53 -1.63 -21.90
N ARG D 178 -13.02 -0.62 -22.61
CA ARG D 178 -11.68 -0.11 -22.32
C ARG D 178 -11.79 1.06 -21.35
N ILE D 179 -13.02 1.50 -21.12
CA ILE D 179 -13.28 2.60 -20.20
C ILE D 179 -13.28 2.07 -18.77
N ARG D 180 -12.72 2.86 -17.86
CA ARG D 180 -12.64 2.50 -16.46
C ARG D 180 -14.00 2.45 -15.76
N ILE D 181 -14.23 1.38 -15.01
CA ILE D 181 -15.48 1.21 -14.29
C ILE D 181 -15.22 1.41 -12.82
N THR D 182 -15.94 2.33 -12.17
CA THR D 182 -15.72 2.57 -10.75
C THR D 182 -16.78 1.86 -9.92
N ASP D 183 -16.56 1.82 -8.62
CA ASP D 183 -17.50 1.19 -7.70
C ASP D 183 -18.82 1.94 -7.63
N ASN D 184 -18.87 3.15 -8.19
CA ASN D 184 -20.10 3.95 -8.21
C ASN D 184 -20.95 3.65 -9.46
N MET D 185 -20.62 2.56 -10.14
CA MET D 185 -21.34 2.15 -11.34
C MET D 185 -21.56 0.64 -11.31
N PHE D 186 -22.57 0.17 -12.02
CA PHE D 186 -22.80 -1.26 -12.17
C PHE D 186 -23.33 -1.33 -13.59
N CYS D 187 -23.33 -2.52 -14.18
CA CYS D 187 -23.84 -2.63 -15.53
C CYS D 187 -24.89 -3.73 -15.61
N ALA D 188 -25.77 -3.64 -16.59
CA ALA D 188 -26.84 -4.60 -16.78
C ALA D 188 -27.05 -4.83 -18.26
N GLY D 189 -27.64 -5.98 -18.60
CA GLY D 189 -27.89 -6.32 -19.99
C GLY D 189 -27.63 -7.79 -20.23
N TYR D 190 -28.17 -8.32 -21.33
CA TYR D 190 -27.98 -9.73 -21.67
C TYR D 190 -26.61 -9.98 -22.30
N LYS D 191 -25.98 -11.08 -21.91
CA LYS D 191 -24.68 -11.46 -22.46
C LYS D 191 -24.85 -11.83 -23.92
N PRO D 192 -23.75 -11.84 -24.69
CA PRO D 192 -23.83 -12.17 -26.12
C PRO D 192 -24.39 -13.55 -26.48
N ASP D 193 -24.49 -14.44 -25.50
CA ASP D 193 -25.01 -15.79 -25.76
C ASP D 193 -26.30 -16.11 -24.98
N GLU D 194 -27.05 -15.07 -24.59
CA GLU D 194 -28.29 -15.31 -23.84
C GLU D 194 -29.52 -15.18 -24.73
N GLY D 195 -29.30 -14.80 -25.99
CA GLY D 195 -30.40 -14.70 -26.94
C GLY D 195 -31.21 -13.41 -26.93
N LYS D 196 -31.75 -13.05 -25.77
CA LYS D 196 -32.54 -11.84 -25.63
C LYS D 196 -31.65 -10.59 -25.65
N ARG D 197 -32.27 -9.42 -25.84
CA ARG D 197 -31.51 -8.18 -25.87
C ARG D 197 -32.32 -7.05 -25.22
N GLY D 198 -31.78 -5.83 -25.29
CA GLY D 198 -32.44 -4.69 -24.68
C GLY D 198 -31.40 -3.79 -24.03
N ASP D 199 -31.67 -2.49 -23.94
CA ASP D 199 -30.70 -1.56 -23.36
C ASP D 199 -31.32 -0.17 -23.28
N ALA D 200 -30.75 0.71 -22.47
CA ALA D 200 -31.29 2.07 -22.42
C ALA D 200 -30.57 2.78 -23.58
N CYS D 201 -30.98 4.00 -23.91
CA CYS D 201 -30.32 4.71 -25.00
C CYS D 201 -30.33 6.21 -24.77
N GLU D 202 -29.87 6.97 -25.76
CA GLU D 202 -29.80 8.43 -25.66
C GLU D 202 -31.17 9.00 -25.38
N GLY D 203 -31.27 9.81 -24.34
CA GLY D 203 -32.54 10.39 -23.96
C GLY D 203 -33.07 9.67 -22.72
N ASP D 204 -32.49 8.50 -22.41
CA ASP D 204 -32.91 7.74 -21.25
C ASP D 204 -32.17 8.06 -19.96
N ALA D 205 -31.01 8.71 -20.08
CA ALA D 205 -30.22 9.06 -18.92
C ALA D 205 -31.04 9.79 -17.87
N GLY D 206 -30.70 9.57 -16.59
CA GLY D 206 -31.43 10.20 -15.51
C GLY D 206 -32.55 9.28 -15.04
N GLY D 207 -33.03 8.44 -15.94
CA GLY D 207 -34.10 7.52 -15.59
C GLY D 207 -33.69 6.54 -14.51
N PRO D 208 -34.66 5.89 -13.86
CA PRO D 208 -34.32 4.93 -12.80
C PRO D 208 -34.25 3.47 -13.26
N PHE D 209 -33.37 2.72 -12.58
CA PHE D 209 -33.21 1.27 -12.81
C PHE D 209 -33.75 0.77 -11.47
N VAL D 210 -34.97 0.23 -11.50
CA VAL D 210 -35.61 -0.22 -10.27
C VAL D 210 -35.67 -1.74 -10.11
N MET D 211 -35.93 -2.19 -8.88
CA MET D 211 -36.04 -3.61 -8.57
C MET D 211 -37.10 -3.81 -7.49
N LYS D 212 -37.92 -4.86 -7.66
CA LYS D 212 -38.97 -5.16 -6.69
C LYS D 212 -38.45 -6.11 -5.63
N SER D 213 -38.48 -5.65 -4.38
CA SER D 213 -38.03 -6.44 -3.25
C SER D 213 -39.00 -7.59 -2.97
N PRO D 214 -38.48 -8.83 -2.88
CA PRO D 214 -39.37 -9.96 -2.60
C PRO D 214 -39.72 -9.96 -1.11
N PHE D 215 -38.95 -9.18 -0.35
CA PHE D 215 -39.12 -9.06 1.08
C PHE D 215 -40.34 -8.22 1.49
N ASN D 216 -40.46 -6.99 1.00
CA ASN D 216 -41.60 -6.15 1.35
C ASN D 216 -42.46 -5.75 0.17
N ASN D 217 -42.19 -6.35 -0.99
CA ASN D 217 -42.97 -6.09 -2.20
C ASN D 217 -42.85 -4.66 -2.75
N ARG D 218 -41.92 -3.88 -2.22
CA ARG D 218 -41.75 -2.50 -2.68
C ARG D 218 -40.70 -2.34 -3.77
N TRP D 219 -40.84 -1.27 -4.55
CA TRP D 219 -39.90 -0.95 -5.62
C TRP D 219 -38.78 -0.06 -5.11
N TYR D 220 -37.55 -0.46 -5.41
CA TYR D 220 -36.38 0.31 -4.99
C TYR D 220 -35.57 0.76 -6.21
N GLN D 221 -35.08 1.99 -6.19
CA GLN D 221 -34.26 2.49 -7.29
C GLN D 221 -32.80 2.18 -6.96
N MET D 222 -32.22 1.24 -7.69
CA MET D 222 -30.84 0.83 -7.45
C MET D 222 -29.85 1.62 -8.30
N GLY D 223 -30.31 2.14 -9.43
CA GLY D 223 -29.41 2.88 -10.29
C GLY D 223 -30.05 3.95 -11.13
N ILE D 224 -29.19 4.75 -11.76
CA ILE D 224 -29.62 5.82 -12.64
C ILE D 224 -28.97 5.56 -13.99
N VAL D 225 -29.75 5.65 -15.07
CA VAL D 225 -29.23 5.44 -16.42
C VAL D 225 -28.11 6.46 -16.64
N SER D 226 -26.94 5.97 -17.01
CA SER D 226 -25.80 6.87 -17.18
C SER D 226 -25.16 6.91 -18.57
N TRP D 227 -24.53 5.82 -18.98
CA TRP D 227 -23.84 5.76 -20.27
C TRP D 227 -23.64 4.35 -20.80
N GLY D 228 -22.94 4.29 -21.93
CA GLY D 228 -22.62 3.03 -22.59
C GLY D 228 -21.84 3.40 -23.85
N GLU D 229 -21.50 2.40 -24.67
CA GLU D 229 -20.81 2.65 -25.93
C GLU D 229 -21.86 2.27 -26.97
N GLY D 230 -22.50 3.28 -27.54
CA GLY D 230 -23.58 3.02 -28.48
C GLY D 230 -24.76 2.54 -27.63
N CYS D 231 -25.73 1.89 -28.27
CA CYS D 231 -26.91 1.34 -27.58
C CYS D 231 -27.18 -0.09 -28.08
N ASP D 232 -27.35 -1.01 -27.14
CA ASP D 232 -27.67 -2.41 -27.42
C ASP D 232 -26.71 -3.14 -28.36
N ARG D 233 -25.42 -2.87 -28.25
CA ARG D 233 -24.43 -3.53 -29.09
C ARG D 233 -24.08 -4.90 -28.50
N ASP D 234 -23.73 -5.86 -29.36
CA ASP D 234 -23.38 -7.18 -28.87
C ASP D 234 -22.06 -7.18 -28.11
N GLY D 235 -22.08 -7.71 -26.90
CA GLY D 235 -20.86 -7.74 -26.12
C GLY D 235 -20.65 -6.50 -25.27
N LYS D 236 -21.60 -5.57 -25.33
CA LYS D 236 -21.51 -4.35 -24.53
C LYS D 236 -22.63 -4.37 -23.50
N TYR D 237 -22.53 -3.51 -22.50
CA TYR D 237 -23.56 -3.43 -21.47
C TYR D 237 -23.85 -1.99 -21.08
N GLY D 238 -25.08 -1.74 -20.64
CA GLY D 238 -25.45 -0.40 -20.22
C GLY D 238 -24.86 -0.13 -18.85
N PHE D 239 -24.49 1.12 -18.60
CA PHE D 239 -23.92 1.48 -17.31
C PHE D 239 -24.81 2.41 -16.52
N TYR D 240 -24.92 2.11 -15.23
CA TYR D 240 -25.78 2.84 -14.31
C TYR D 240 -25.04 3.35 -13.08
N THR D 241 -25.48 4.50 -12.57
CA THR D 241 -24.90 5.06 -11.38
C THR D 241 -25.43 4.21 -10.22
N HIS D 242 -24.54 3.85 -9.30
CA HIS D 242 -24.86 3.02 -8.14
C HIS D 242 -25.43 3.91 -7.03
N VAL D 243 -26.76 4.01 -6.98
CA VAL D 243 -27.45 4.86 -6.01
C VAL D 243 -27.10 4.65 -4.55
N PHE D 244 -27.16 3.41 -4.07
CA PHE D 244 -26.84 3.17 -2.68
C PHE D 244 -25.45 3.68 -2.29
N ARG D 245 -24.46 3.46 -3.16
CA ARG D 245 -23.10 3.89 -2.84
C ARG D 245 -22.87 5.38 -2.75
N LEU D 246 -23.87 6.17 -3.16
CA LEU D 246 -23.78 7.62 -3.10
C LEU D 246 -24.88 8.14 -2.18
N LYS D 247 -25.51 7.25 -1.43
CA LYS D 247 -26.59 7.63 -0.52
C LYS D 247 -26.17 8.61 0.56
N LYS D 248 -24.94 8.47 1.05
CA LYS D 248 -24.41 9.34 2.08
C LYS D 248 -24.48 10.79 1.61
N TRP D 249 -24.00 11.03 0.39
CA TRP D 249 -24.05 12.35 -0.21
C TRP D 249 -25.50 12.81 -0.36
N ILE D 250 -26.37 11.91 -0.76
CA ILE D 250 -27.79 12.24 -0.92
C ILE D 250 -28.37 12.73 0.42
N GLN D 251 -28.00 12.07 1.50
CA GLN D 251 -28.47 12.43 2.84
C GLN D 251 -27.98 13.82 3.23
N LYS D 252 -26.71 14.12 2.96
CA LYS D 252 -26.15 15.42 3.31
C LYS D 252 -26.81 16.58 2.56
N VAL D 253 -27.11 16.38 1.29
CA VAL D 253 -27.75 17.46 0.52
C VAL D 253 -29.16 17.72 1.04
N ILE D 254 -29.89 16.65 1.32
CA ILE D 254 -31.25 16.78 1.82
C ILE D 254 -31.33 17.38 3.22
N ASP D 255 -30.40 16.96 4.08
CA ASP D 255 -30.37 17.49 5.44
C ASP D 255 -30.14 19.01 5.50
N GLN D 256 -29.26 19.53 4.65
CA GLN D 256 -29.02 20.97 4.73
C GLN D 256 -29.71 21.87 3.74
N PHE D 257 -30.40 21.31 2.75
CA PHE D 257 -31.08 22.17 1.78
C PHE D 257 -32.55 21.83 1.64
N GLY D 258 -32.97 20.77 2.33
CA GLY D 258 -34.35 20.33 2.25
C GLY D 258 -35.42 21.19 2.90
N GLU D 259 -35.15 21.71 4.10
CA GLU D 259 -36.14 22.50 4.80
C GLU D 259 -36.54 23.75 4.02
N ASP E 6 31.57 12.18 -11.32
CA ASP E 6 30.53 11.11 -11.45
C ASP E 6 30.88 10.09 -12.53
N ILE E 7 30.97 8.82 -12.14
CA ILE E 7 31.32 7.74 -13.08
C ILE E 7 30.18 7.22 -13.91
N CYS E 8 28.98 7.19 -13.34
CA CYS E 8 27.83 6.66 -14.07
C CYS E 8 27.55 7.38 -15.37
N THR E 9 28.02 8.61 -15.49
CA THR E 9 27.80 9.39 -16.71
C THR E 9 29.12 9.66 -17.44
N ALA E 10 30.23 9.46 -16.74
CA ALA E 10 31.55 9.69 -17.33
C ALA E 10 31.87 8.71 -18.46
N LYS E 11 32.96 9.00 -19.18
CA LYS E 11 33.40 8.17 -20.28
C LYS E 11 34.87 7.80 -20.12
N PRO E 12 35.30 6.68 -20.73
CA PRO E 12 36.69 6.21 -20.63
C PRO E 12 37.79 7.29 -20.71
N ARG E 13 37.62 8.27 -21.59
CA ARG E 13 38.61 9.32 -21.74
C ARG E 13 38.40 10.49 -20.80
N ASP E 14 37.20 10.61 -20.25
CA ASP E 14 36.89 11.70 -19.34
C ASP E 14 37.86 11.67 -18.16
N ILE E 15 38.49 10.54 -17.92
CA ILE E 15 39.45 10.42 -16.82
C ILE E 15 40.55 9.41 -17.15
N PRO E 16 41.71 9.90 -17.63
CA PRO E 16 42.86 9.06 -17.97
C PRO E 16 43.23 8.11 -16.84
N MET E 17 43.23 6.82 -17.14
CA MET E 17 43.56 5.80 -16.17
C MET E 17 44.77 5.02 -16.68
N ASN E 18 44.49 3.95 -17.42
CA ASN E 18 45.56 3.13 -17.99
C ASN E 18 46.42 2.48 -16.92
N PRO E 19 46.42 1.14 -16.86
CA PRO E 19 47.20 0.37 -15.87
C PRO E 19 48.70 0.44 -16.15
N MET E 20 49.48 -0.09 -15.24
CA MET E 20 50.93 -0.11 -15.40
C MET E 20 51.26 -1.23 -16.39
N CYS E 21 50.42 -2.25 -16.44
CA CYS E 21 50.61 -3.36 -17.34
C CYS E 21 49.28 -3.74 -17.96
N ILE E 22 49.29 -4.16 -19.21
CA ILE E 22 48.08 -4.57 -19.89
C ILE E 22 48.30 -5.99 -20.38
N TYR E 23 47.23 -6.68 -20.74
CA TYR E 23 47.36 -8.06 -21.19
C TYR E 23 46.76 -8.30 -22.56
N ARG E 24 47.34 -9.23 -23.30
CA ARG E 24 46.86 -9.57 -24.64
C ARG E 24 46.88 -11.08 -24.78
N SER E 25 45.78 -11.65 -25.24
CA SER E 25 45.72 -13.09 -25.40
C SER E 25 46.49 -13.48 -26.65
N PRO E 26 47.22 -14.60 -26.60
CA PRO E 26 47.98 -15.01 -27.79
C PRO E 26 47.05 -14.97 -29.00
N GLU E 27 45.76 -15.17 -28.72
CA GLU E 27 44.66 -15.16 -29.68
C GLU E 27 43.66 -16.27 -29.37
N LYS E 39 22.39 -10.19 -30.36
CA LYS E 39 21.23 -9.41 -29.91
C LYS E 39 21.54 -8.73 -28.58
N ILE E 40 22.24 -7.61 -28.65
CA ILE E 40 22.61 -6.88 -27.44
C ILE E 40 21.43 -6.06 -26.94
N PRO E 41 21.14 -6.12 -25.63
CA PRO E 41 20.03 -5.38 -25.01
C PRO E 41 19.98 -3.92 -25.46
N GLU E 42 18.76 -3.40 -25.67
CA GLU E 42 18.60 -2.02 -26.08
C GLU E 42 18.94 -1.10 -24.90
N ALA E 43 19.47 0.08 -25.22
CA ALA E 43 19.85 1.08 -24.22
C ALA E 43 20.95 0.53 -23.32
N THR E 44 21.75 -0.38 -23.87
CA THR E 44 22.85 -1.00 -23.15
C THR E 44 24.15 -0.82 -23.90
N ASN E 45 25.20 -0.44 -23.16
CA ASN E 45 26.52 -0.25 -23.74
C ASN E 45 27.16 -1.62 -24.08
N ARG E 46 27.70 -1.72 -25.29
CA ARG E 46 28.32 -2.96 -25.77
C ARG E 46 29.41 -3.51 -24.84
N ARG E 47 30.27 -2.61 -24.35
CA ARG E 47 31.39 -2.99 -23.48
C ARG E 47 30.88 -3.61 -22.19
N VAL E 48 29.88 -3.00 -21.60
CA VAL E 48 29.31 -3.50 -20.38
C VAL E 48 28.67 -4.87 -20.63
N TRP E 49 28.11 -5.06 -21.81
CA TRP E 49 27.47 -6.33 -22.11
C TRP E 49 28.47 -7.47 -22.18
N GLU E 50 29.56 -7.28 -22.92
CA GLU E 50 30.55 -8.33 -23.03
C GLU E 50 31.17 -8.64 -21.66
N LEU E 51 31.34 -7.63 -20.83
CA LEU E 51 31.90 -7.85 -19.48
C LEU E 51 30.94 -8.68 -18.61
N SER E 52 29.64 -8.49 -18.80
CA SER E 52 28.67 -9.26 -18.03
C SER E 52 28.76 -10.72 -18.50
N LYS E 53 28.94 -10.91 -19.81
CA LYS E 53 29.06 -12.26 -20.37
C LYS E 53 30.30 -12.96 -19.82
N ALA E 54 31.37 -12.21 -19.65
CA ALA E 54 32.59 -12.79 -19.11
C ALA E 54 32.29 -13.29 -17.69
N ASN E 55 31.66 -12.45 -16.87
CA ASN E 55 31.35 -12.88 -15.52
C ASN E 55 30.51 -14.13 -15.48
N SER E 56 29.66 -14.30 -16.49
CA SER E 56 28.80 -15.48 -16.52
C SER E 56 29.58 -16.74 -16.82
N ARG E 57 30.66 -16.60 -17.59
CA ARG E 57 31.47 -17.76 -17.89
C ARG E 57 32.29 -18.09 -16.65
N PHE E 58 32.67 -17.08 -15.89
CA PHE E 58 33.41 -17.30 -14.65
C PHE E 58 32.48 -18.01 -13.67
N ALA E 59 31.27 -17.49 -13.54
CA ALA E 59 30.26 -18.05 -12.65
C ALA E 59 30.12 -19.57 -12.76
N THR E 60 29.81 -20.08 -13.95
CA THR E 60 29.64 -21.53 -14.12
C THR E 60 30.90 -22.27 -13.74
N THR E 61 32.03 -21.84 -14.29
CA THR E 61 33.31 -22.48 -13.99
C THR E 61 33.62 -22.49 -12.48
N PHE E 62 33.52 -21.34 -11.83
CA PHE E 62 33.79 -21.30 -10.40
C PHE E 62 32.78 -22.19 -9.66
N TYR E 63 31.56 -22.25 -10.16
CA TYR E 63 30.54 -23.07 -9.52
C TYR E 63 30.82 -24.58 -9.64
N GLN E 64 30.98 -25.07 -10.86
CA GLN E 64 31.28 -26.48 -11.05
C GLN E 64 32.46 -26.88 -10.18
N HIS E 65 33.50 -26.05 -10.20
CA HIS E 65 34.69 -26.34 -9.42
C HIS E 65 34.40 -26.43 -7.91
N LEU E 66 33.54 -25.55 -7.41
CA LEU E 66 33.20 -25.54 -5.98
C LEU E 66 32.37 -26.77 -5.60
N ALA E 67 31.47 -27.15 -6.49
CA ALA E 67 30.61 -28.30 -6.27
C ALA E 67 31.47 -29.57 -6.23
N ASP E 68 32.48 -29.63 -7.09
CA ASP E 68 33.35 -30.80 -7.11
C ASP E 68 34.13 -30.92 -5.81
N SER E 69 34.33 -29.81 -5.11
CA SER E 69 35.09 -29.83 -3.87
C SER E 69 34.26 -30.01 -2.61
N LYS E 70 32.94 -30.17 -2.75
CA LYS E 70 32.11 -30.34 -1.57
C LYS E 70 31.21 -31.56 -1.58
N ASN E 71 30.50 -31.77 -0.47
CA ASN E 71 29.57 -32.88 -0.32
C ASN E 71 28.23 -32.50 -0.99
N ASP E 72 27.77 -33.35 -1.90
CA ASP E 72 26.53 -33.12 -2.62
C ASP E 72 25.29 -32.82 -1.75
N ASN E 73 25.45 -32.90 -0.44
CA ASN E 73 24.37 -32.65 0.51
C ASN E 73 24.51 -31.25 1.10
N ASP E 74 25.63 -30.61 0.86
CA ASP E 74 25.86 -29.28 1.39
C ASP E 74 25.21 -28.21 0.49
N ASN E 75 24.78 -27.12 1.10
CA ASN E 75 24.22 -26.03 0.32
C ASN E 75 25.40 -25.21 -0.18
N ILE E 76 25.29 -24.67 -1.39
CA ILE E 76 26.36 -23.84 -1.94
C ILE E 76 25.78 -22.48 -2.33
N PHE E 77 26.55 -21.42 -2.11
CA PHE E 77 26.10 -20.07 -2.45
C PHE E 77 27.27 -19.12 -2.65
N LEU E 78 27.18 -18.28 -3.67
CA LEU E 78 28.23 -17.31 -3.93
C LEU E 78 27.76 -16.20 -4.86
N SER E 79 28.48 -15.08 -4.84
CA SER E 79 28.16 -13.98 -5.72
C SER E 79 29.33 -13.83 -6.68
N PRO E 80 29.22 -14.43 -7.88
CA PRO E 80 30.30 -14.33 -8.86
C PRO E 80 30.59 -12.89 -9.23
N LEU E 81 29.53 -12.11 -9.39
CA LEU E 81 29.69 -10.70 -9.74
C LEU E 81 30.57 -9.98 -8.73
N SER E 82 30.32 -10.23 -7.44
CA SER E 82 31.08 -9.62 -6.37
C SER E 82 32.55 -10.05 -6.48
N ILE E 83 32.78 -11.33 -6.68
CA ILE E 83 34.14 -11.86 -6.79
C ILE E 83 34.89 -11.28 -7.98
N SER E 84 34.27 -11.30 -9.16
CA SER E 84 34.91 -10.79 -10.37
C SER E 84 35.24 -9.32 -10.20
N THR E 85 34.25 -8.56 -9.73
CA THR E 85 34.41 -7.12 -9.53
C THR E 85 35.58 -6.80 -8.61
N ALA E 86 35.62 -7.41 -7.42
CA ALA E 86 36.69 -7.16 -6.47
C ALA E 86 38.07 -7.55 -7.01
N PHE E 87 38.18 -8.76 -7.57
CA PHE E 87 39.48 -9.18 -8.08
C PHE E 87 39.95 -8.34 -9.26
N ALA E 88 39.02 -7.67 -9.93
CA ALA E 88 39.40 -6.82 -11.04
C ALA E 88 40.08 -5.59 -10.45
N MET E 89 39.90 -5.37 -9.15
CA MET E 89 40.54 -4.23 -8.48
C MET E 89 42.05 -4.51 -8.36
N THR E 90 42.43 -5.79 -8.29
CA THR E 90 43.85 -6.15 -8.20
C THR E 90 44.47 -6.12 -9.59
N LYS E 91 43.66 -6.47 -10.60
CA LYS E 91 44.12 -6.48 -11.99
C LYS E 91 44.74 -5.14 -12.32
N LEU E 92 44.01 -4.08 -11.96
CA LEU E 92 44.45 -2.72 -12.21
C LEU E 92 45.92 -2.45 -11.91
N GLY E 93 46.53 -3.28 -11.06
CA GLY E 93 47.92 -3.05 -10.72
C GLY E 93 48.80 -4.29 -10.74
N ALA E 94 48.38 -5.31 -11.47
CA ALA E 94 49.13 -6.56 -11.54
C ALA E 94 49.93 -6.65 -12.85
N CYS E 95 51.03 -7.41 -12.82
CA CYS E 95 51.85 -7.59 -14.02
C CYS E 95 52.29 -9.05 -14.14
N ASN E 96 52.88 -9.37 -15.28
CA ASN E 96 53.40 -10.70 -15.52
C ASN E 96 52.43 -11.86 -15.29
N ASP E 97 52.93 -12.92 -14.66
CA ASP E 97 52.14 -14.11 -14.39
C ASP E 97 50.97 -13.85 -13.45
N THR E 98 51.10 -12.86 -12.58
CA THR E 98 50.03 -12.54 -11.66
C THR E 98 48.82 -12.09 -12.50
N LEU E 99 49.08 -11.12 -13.37
CA LEU E 99 48.06 -10.56 -14.25
C LEU E 99 47.48 -11.59 -15.20
N GLN E 100 48.34 -12.42 -15.81
CA GLN E 100 47.84 -13.43 -16.73
C GLN E 100 46.86 -14.38 -16.06
N GLN E 101 47.20 -14.83 -14.85
CA GLN E 101 46.32 -15.75 -14.13
C GLN E 101 44.97 -15.09 -13.85
N LEU E 102 44.99 -13.84 -13.40
CA LEU E 102 43.77 -13.09 -13.12
C LEU E 102 42.90 -13.06 -14.37
N MET E 103 43.52 -12.79 -15.50
CA MET E 103 42.81 -12.70 -16.77
C MET E 103 42.21 -14.02 -17.21
N GLU E 104 42.96 -15.10 -17.01
CA GLU E 104 42.48 -16.41 -17.42
C GLU E 104 41.43 -17.02 -16.49
N VAL E 105 41.62 -16.89 -15.20
CA VAL E 105 40.68 -17.44 -14.22
C VAL E 105 39.32 -16.75 -14.35
N PHE E 106 39.32 -15.42 -14.37
CA PHE E 106 38.08 -14.68 -14.46
C PHE E 106 37.55 -14.50 -15.87
N LYS E 107 38.18 -15.19 -16.81
CA LYS E 107 37.78 -15.15 -18.21
C LYS E 107 37.85 -13.76 -18.85
N PHE E 108 38.74 -12.90 -18.36
CA PHE E 108 38.87 -11.56 -18.91
C PHE E 108 39.69 -11.55 -20.19
N ASP E 109 40.44 -12.63 -20.42
CA ASP E 109 41.28 -12.76 -21.60
C ASP E 109 40.44 -13.07 -22.82
N THR E 110 39.12 -13.12 -22.63
CA THR E 110 38.20 -13.44 -23.71
C THR E 110 37.35 -12.23 -24.15
N ILE E 111 37.88 -11.02 -23.99
CA ILE E 111 37.14 -9.82 -24.38
C ILE E 111 38.03 -8.86 -25.14
N SER E 112 37.43 -7.82 -25.70
CA SER E 112 38.16 -6.83 -26.46
C SER E 112 39.25 -6.16 -25.61
N GLU E 113 40.26 -5.64 -26.30
CA GLU E 113 41.41 -4.98 -25.66
C GLU E 113 41.06 -3.72 -24.88
N LYS E 114 40.14 -2.94 -25.44
CA LYS E 114 39.70 -1.69 -24.81
C LYS E 114 39.00 -2.00 -23.48
N THR E 115 38.00 -2.90 -23.54
CA THR E 115 37.27 -3.29 -22.35
C THR E 115 38.26 -3.84 -21.33
N SER E 116 39.21 -4.64 -21.82
CA SER E 116 40.23 -5.23 -20.97
C SER E 116 41.10 -4.16 -20.31
N ASP E 117 41.69 -3.30 -21.12
CA ASP E 117 42.55 -2.23 -20.61
C ASP E 117 41.84 -1.30 -19.63
N GLN E 118 40.52 -1.19 -19.76
CA GLN E 118 39.73 -0.31 -18.89
C GLN E 118 38.75 -1.12 -18.01
N ILE E 119 39.03 -2.41 -17.86
CA ILE E 119 38.18 -3.32 -17.08
C ILE E 119 37.59 -2.65 -15.83
N HIS E 120 38.45 -2.06 -15.01
CA HIS E 120 38.03 -1.40 -13.77
C HIS E 120 36.90 -0.41 -14.01
N PHE E 121 37.07 0.43 -15.01
CA PHE E 121 36.10 1.45 -15.38
C PHE E 121 34.75 0.85 -15.77
N PHE E 122 34.79 -0.16 -16.62
CA PHE E 122 33.55 -0.78 -17.06
C PHE E 122 32.81 -1.56 -16.00
N PHE E 123 33.52 -1.96 -14.94
CA PHE E 123 32.87 -2.66 -13.85
C PHE E 123 32.06 -1.60 -13.12
N ALA E 124 32.57 -0.37 -13.14
CA ALA E 124 31.88 0.73 -12.48
C ALA E 124 30.60 1.02 -13.23
N LYS E 125 30.67 1.00 -14.55
CA LYS E 125 29.50 1.25 -15.37
C LYS E 125 28.49 0.13 -15.18
N LEU E 126 28.96 -1.11 -15.21
CA LEU E 126 28.10 -2.26 -15.04
C LEU E 126 27.34 -2.14 -13.73
N ASN E 127 28.06 -1.84 -12.67
CA ASN E 127 27.45 -1.69 -11.36
C ASN E 127 26.49 -0.51 -11.27
N CYS E 128 26.84 0.62 -11.89
CA CYS E 128 25.93 1.77 -11.90
C CYS E 128 24.56 1.28 -12.38
N ARG E 129 24.59 0.52 -13.46
CA ARG E 129 23.39 -0.02 -14.08
C ARG E 129 22.60 -0.98 -13.21
N LEU E 130 23.29 -1.70 -12.33
CA LEU E 130 22.64 -2.68 -11.46
C LEU E 130 21.96 -2.01 -10.27
N TYR E 131 22.62 -0.98 -9.74
CA TYR E 131 22.08 -0.27 -8.60
C TYR E 131 21.17 0.89 -9.00
N ARG E 132 20.56 0.77 -10.16
CA ARG E 132 19.63 1.78 -10.65
C ARG E 132 18.24 1.14 -10.60
N LYS E 133 18.00 0.40 -9.52
CA LYS E 133 16.74 -0.29 -9.29
C LYS E 133 16.06 0.34 -8.08
N ALA E 134 16.69 0.18 -6.93
CA ALA E 134 16.22 0.70 -5.66
C ALA E 134 14.71 0.85 -5.55
N ASN E 135 13.97 -0.01 -6.23
CA ASN E 135 12.51 0.05 -6.16
C ASN E 135 12.13 -0.41 -4.76
N LYS E 136 12.99 -0.05 -3.80
CA LYS E 136 12.94 -0.30 -2.33
C LYS E 136 12.27 -1.61 -1.91
N ALA E 137 11.79 -2.36 -2.89
CA ALA E 137 11.15 -3.66 -2.70
C ALA E 137 12.14 -4.51 -3.46
N SER E 138 13.25 -3.85 -3.77
CA SER E 138 14.34 -4.43 -4.51
C SER E 138 15.62 -3.61 -4.29
N LYS E 139 16.33 -3.90 -3.20
CA LYS E 139 17.56 -3.19 -2.88
C LYS E 139 18.77 -4.12 -2.84
N LEU E 140 19.76 -3.79 -3.65
CA LEU E 140 21.00 -4.56 -3.72
C LEU E 140 22.01 -3.72 -2.96
N VAL E 141 22.71 -4.32 -2.00
CA VAL E 141 23.68 -3.58 -1.22
C VAL E 141 25.04 -4.28 -1.11
N SER E 142 26.10 -3.56 -1.49
CA SER E 142 27.44 -4.12 -1.44
C SER E 142 28.50 -3.21 -0.85
N ALA E 143 29.59 -3.82 -0.41
CA ALA E 143 30.71 -3.12 0.19
C ALA E 143 31.98 -3.88 -0.20
N ASN E 144 32.76 -3.27 -1.07
CA ASN E 144 34.01 -3.87 -1.53
C ASN E 144 35.13 -2.91 -1.17
N ARG E 145 36.30 -3.46 -0.84
CA ARG E 145 37.43 -2.62 -0.51
C ARG E 145 38.70 -3.42 -0.21
N LEU E 146 39.84 -2.75 -0.38
CA LEU E 146 41.15 -3.36 -0.13
C LEU E 146 41.80 -2.67 1.05
N PHE E 147 42.49 -3.45 1.87
CA PHE E 147 43.18 -2.90 3.02
C PHE E 147 44.62 -3.43 2.96
N GLY E 148 45.59 -2.53 3.09
CA GLY E 148 47.00 -2.93 3.06
C GLY E 148 47.75 -2.40 4.28
N ASP E 149 48.86 -3.04 4.65
CA ASP E 149 49.61 -2.57 5.82
C ASP E 149 50.09 -1.13 5.60
N LYS E 150 50.06 -0.32 6.64
CA LYS E 150 50.47 1.07 6.48
C LYS E 150 51.97 1.30 6.39
N SER E 151 52.74 0.23 6.46
CA SER E 151 54.19 0.33 6.35
C SER E 151 54.56 0.49 4.87
N LEU E 152 53.69 0.00 4.00
CA LEU E 152 53.92 0.09 2.57
C LEU E 152 53.57 1.48 2.05
N THR E 153 54.06 1.79 0.85
CA THR E 153 53.77 3.07 0.22
C THR E 153 52.95 2.78 -1.03
N PHE E 154 51.68 3.19 -1.01
CA PHE E 154 50.77 2.94 -2.13
C PHE E 154 50.76 4.00 -3.23
N ASN E 155 50.80 3.50 -4.46
CA ASN E 155 50.78 4.32 -5.66
C ASN E 155 49.56 5.24 -5.63
N GLU E 156 49.80 6.55 -5.58
CA GLU E 156 48.71 7.52 -5.54
C GLU E 156 47.86 7.57 -6.80
N THR E 157 48.43 7.21 -7.95
CA THR E 157 47.65 7.21 -9.18
C THR E 157 46.59 6.14 -8.99
N TYR E 158 47.02 4.99 -8.47
CA TYR E 158 46.13 3.86 -8.20
C TYR E 158 45.03 4.34 -7.27
N GLN E 159 45.45 4.95 -6.17
CA GLN E 159 44.52 5.46 -5.18
C GLN E 159 43.47 6.37 -5.80
N ASP E 160 43.89 7.33 -6.63
CA ASP E 160 42.92 8.24 -7.25
C ASP E 160 41.95 7.47 -8.12
N ILE E 161 42.49 6.65 -9.01
CA ILE E 161 41.64 5.86 -9.89
C ILE E 161 40.67 5.03 -9.04
N SER E 162 41.19 4.47 -7.95
CA SER E 162 40.38 3.65 -7.05
C SER E 162 39.24 4.46 -6.44
N GLU E 163 39.56 5.72 -6.11
CA GLU E 163 38.60 6.65 -5.52
C GLU E 163 37.38 6.82 -6.41
N LEU E 164 37.63 7.07 -7.69
CA LEU E 164 36.54 7.28 -8.65
C LEU E 164 35.86 6.00 -9.15
N VAL E 165 36.65 5.05 -9.63
CA VAL E 165 36.09 3.82 -10.17
C VAL E 165 35.50 2.84 -9.15
N TYR E 166 36.05 2.84 -7.94
CA TYR E 166 35.59 1.91 -6.90
C TYR E 166 34.89 2.62 -5.75
N GLY E 167 34.93 3.95 -5.75
CA GLY E 167 34.29 4.70 -4.69
C GLY E 167 35.19 5.04 -3.51
N ALA E 168 36.16 4.19 -3.20
CA ALA E 168 37.05 4.45 -2.09
C ALA E 168 38.50 4.13 -2.43
N LYS E 169 39.41 4.61 -1.60
CA LYS E 169 40.81 4.33 -1.82
C LYS E 169 41.13 3.13 -0.97
N LEU E 170 42.22 2.45 -1.29
CA LEU E 170 42.69 1.30 -0.53
C LEU E 170 43.01 1.88 0.85
N GLN E 171 42.44 1.29 1.88
CA GLN E 171 42.63 1.77 3.24
C GLN E 171 43.84 1.14 3.93
N PRO E 172 44.81 1.97 4.34
CA PRO E 172 46.02 1.48 5.01
C PRO E 172 45.73 1.21 6.47
N LEU E 173 46.18 0.07 6.97
CA LEU E 173 45.97 -0.27 8.37
C LEU E 173 47.27 -0.82 8.89
N ASP E 174 47.36 -0.96 10.22
CA ASP E 174 48.57 -1.50 10.81
C ASP E 174 48.36 -2.94 11.26
N PHE E 175 48.47 -3.86 10.30
CA PHE E 175 48.33 -5.29 10.58
C PHE E 175 49.51 -5.80 11.41
N LYS E 176 50.66 -5.17 11.21
CA LYS E 176 51.90 -5.56 11.91
C LYS E 176 51.86 -5.37 13.42
N GLU E 177 51.32 -4.25 13.88
CA GLU E 177 51.26 -3.96 15.31
C GLU E 177 49.84 -3.85 15.89
N ASN E 178 48.86 -3.53 15.05
CA ASN E 178 47.48 -3.39 15.50
C ASN E 178 46.52 -4.30 14.76
N ALA E 179 46.81 -5.60 14.75
CA ALA E 179 45.98 -6.59 14.06
C ALA E 179 44.51 -6.63 14.47
N GLU E 180 44.26 -6.88 15.75
CA GLU E 180 42.89 -6.96 16.26
C GLU E 180 42.15 -5.65 16.01
N GLN E 181 42.83 -4.55 16.31
CA GLN E 181 42.25 -3.23 16.13
C GLN E 181 41.92 -2.98 14.66
N SER E 182 42.77 -3.47 13.78
CA SER E 182 42.56 -3.30 12.34
C SER E 182 41.38 -4.12 11.90
N ARG E 183 41.17 -5.24 12.59
CA ARG E 183 40.06 -6.11 12.29
C ARG E 183 38.79 -5.33 12.53
N ALA E 184 38.71 -4.70 13.70
CA ALA E 184 37.54 -3.93 14.08
C ALA E 184 37.31 -2.80 13.09
N ALA E 185 38.40 -2.15 12.66
CA ALA E 185 38.28 -1.05 11.73
C ALA E 185 37.65 -1.49 10.41
N ILE E 186 37.97 -2.70 9.97
CA ILE E 186 37.40 -3.20 8.73
C ILE E 186 35.94 -3.58 8.92
N ASN E 187 35.65 -4.26 10.02
CA ASN E 187 34.28 -4.64 10.29
C ASN E 187 33.37 -3.42 10.40
N LYS E 188 33.89 -2.37 11.05
CA LYS E 188 33.16 -1.12 11.24
C LYS E 188 32.76 -0.49 9.91
N TRP E 189 33.72 -0.38 9.00
CA TRP E 189 33.47 0.21 7.69
C TRP E 189 32.34 -0.51 6.96
N VAL E 190 32.37 -1.83 7.05
CA VAL E 190 31.36 -2.66 6.40
C VAL E 190 30.03 -2.59 7.13
N SER E 191 30.07 -2.56 8.46
CA SER E 191 28.84 -2.48 9.23
C SER E 191 28.11 -1.20 8.90
N ASN E 192 28.86 -0.18 8.50
CA ASN E 192 28.30 1.10 8.14
C ASN E 192 27.83 1.11 6.68
N LYS E 193 28.69 0.61 5.80
CA LYS E 193 28.40 0.57 4.37
C LYS E 193 27.16 -0.26 4.02
N THR E 194 26.88 -1.28 4.81
CA THR E 194 25.71 -2.14 4.59
C THR E 194 24.85 -1.94 5.82
N GLU E 195 25.10 -0.81 6.46
CA GLU E 195 24.44 -0.40 7.67
C GLU E 195 23.75 -1.51 8.44
N GLY E 196 24.42 -1.97 9.49
CA GLY E 196 23.88 -3.00 10.36
C GLY E 196 23.92 -4.45 9.95
N ARG E 197 23.58 -4.76 8.70
CA ARG E 197 23.56 -6.16 8.26
C ARG E 197 24.83 -6.96 8.51
N ILE E 198 25.93 -6.57 7.86
CA ILE E 198 27.20 -7.28 8.02
C ILE E 198 28.15 -6.60 9.00
N THR E 199 28.18 -7.06 10.24
CA THR E 199 29.04 -6.45 11.25
C THR E 199 30.31 -7.25 11.57
N ASP E 200 30.50 -8.38 10.90
CA ASP E 200 31.69 -9.19 11.18
C ASP E 200 32.24 -9.92 9.96
N VAL E 201 32.46 -9.19 8.88
CA VAL E 201 32.99 -9.79 7.65
C VAL E 201 34.25 -10.56 8.02
N ILE E 202 35.07 -9.91 8.85
CA ILE E 202 36.31 -10.50 9.28
C ILE E 202 36.17 -11.06 10.68
N PRO E 203 36.22 -12.40 10.78
CA PRO E 203 36.10 -13.10 12.06
C PRO E 203 37.28 -12.92 12.99
N SER E 204 37.12 -13.45 14.19
CA SER E 204 38.14 -13.38 15.22
C SER E 204 39.48 -13.91 14.77
N GLU E 205 40.53 -13.13 15.02
CA GLU E 205 41.89 -13.53 14.69
C GLU E 205 42.17 -13.82 13.22
N ALA E 206 41.35 -13.28 12.32
CA ALA E 206 41.56 -13.51 10.89
C ALA E 206 42.68 -12.62 10.38
N ILE E 207 42.87 -11.46 11.01
CA ILE E 207 43.93 -10.54 10.64
C ILE E 207 45.05 -10.69 11.68
N ASN E 208 46.30 -10.59 11.24
CA ASN E 208 47.43 -10.76 12.14
C ASN E 208 48.71 -10.06 11.65
N GLU E 209 49.80 -10.28 12.37
CA GLU E 209 51.11 -9.72 12.08
C GLU E 209 51.64 -9.97 10.66
N LEU E 210 51.36 -11.14 10.11
CA LEU E 210 51.82 -11.49 8.76
C LEU E 210 50.87 -11.04 7.65
N THR E 211 49.79 -10.36 8.03
CA THR E 211 48.79 -9.85 7.08
C THR E 211 49.30 -8.58 6.37
N VAL E 212 49.34 -8.59 5.04
CA VAL E 212 49.83 -7.41 4.32
C VAL E 212 48.78 -6.72 3.42
N LEU E 213 47.93 -7.52 2.79
CA LEU E 213 46.90 -7.00 1.91
C LEU E 213 45.64 -7.87 1.94
N VAL E 214 44.50 -7.26 2.20
CA VAL E 214 43.22 -7.97 2.30
C VAL E 214 42.07 -7.46 1.41
N LEU E 215 41.45 -8.39 0.70
CA LEU E 215 40.31 -8.07 -0.17
C LEU E 215 39.01 -8.33 0.57
N VAL E 216 38.15 -7.32 0.66
CA VAL E 216 36.89 -7.48 1.33
C VAL E 216 35.75 -7.22 0.37
N ASN E 217 35.03 -8.28 0.01
CA ASN E 217 33.89 -8.15 -0.90
C ASN E 217 32.63 -8.75 -0.29
N THR E 218 31.66 -7.90 0.02
CA THR E 218 30.39 -8.35 0.59
C THR E 218 29.22 -7.96 -0.31
N ILE E 219 28.08 -8.58 -0.05
CA ILE E 219 26.88 -8.29 -0.83
C ILE E 219 25.66 -9.15 -0.45
N TYR E 220 24.50 -8.53 -0.47
CA TYR E 220 23.22 -9.22 -0.21
C TYR E 220 22.09 -8.48 -0.90
N PHE E 221 20.97 -9.19 -1.05
CA PHE E 221 19.81 -8.64 -1.70
C PHE E 221 18.55 -8.61 -0.85
N LYS E 222 17.87 -7.47 -0.87
CA LYS E 222 16.63 -7.31 -0.15
C LYS E 222 15.56 -7.02 -1.22
N GLY E 223 14.56 -7.89 -1.27
CA GLY E 223 13.48 -7.74 -2.23
C GLY E 223 12.25 -8.55 -1.87
N LEU E 224 11.10 -8.10 -2.37
CA LEU E 224 9.84 -8.76 -2.10
C LEU E 224 9.42 -9.45 -3.39
N TRP E 225 8.77 -10.59 -3.25
CA TRP E 225 8.29 -11.31 -4.43
C TRP E 225 7.22 -10.44 -5.07
N LYS E 226 7.06 -10.56 -6.37
CA LYS E 226 6.01 -9.81 -7.03
C LYS E 226 4.73 -10.56 -6.62
N SER E 227 4.87 -11.87 -6.44
CA SER E 227 3.78 -12.72 -6.01
C SER E 227 4.20 -13.48 -4.74
N LYS E 228 3.86 -12.95 -3.58
CA LYS E 228 4.20 -13.58 -2.31
C LYS E 228 3.53 -14.91 -2.04
N PHE E 229 4.10 -15.68 -1.11
CA PHE E 229 3.50 -16.95 -0.71
C PHE E 229 2.71 -16.62 0.53
N SER E 230 1.55 -17.25 0.69
CA SER E 230 0.74 -17.01 1.86
C SER E 230 1.26 -17.85 3.02
N PRO E 231 1.57 -17.20 4.14
CA PRO E 231 2.08 -17.94 5.30
C PRO E 231 1.14 -19.08 5.65
N GLU E 232 -0.15 -18.86 5.44
CA GLU E 232 -1.19 -19.83 5.75
C GLU E 232 -1.04 -21.14 5.02
N ASN E 233 -0.36 -21.10 3.89
CA ASN E 233 -0.14 -22.28 3.06
C ASN E 233 1.12 -23.07 3.29
N THR E 234 2.00 -22.55 4.15
CA THR E 234 3.26 -23.24 4.42
C THR E 234 3.08 -24.39 5.42
N ARG E 235 3.60 -25.56 5.08
CA ARG E 235 3.49 -26.72 5.97
C ARG E 235 4.80 -27.50 6.09
N LYS E 236 5.01 -28.06 7.27
CA LYS E 236 6.18 -28.90 7.54
C LYS E 236 6.08 -30.14 6.65
N GLU E 237 6.97 -30.26 5.68
CA GLU E 237 6.93 -31.42 4.80
C GLU E 237 8.33 -31.98 4.59
N LEU E 238 8.41 -33.15 3.99
CA LEU E 238 9.69 -33.80 3.78
C LEU E 238 10.46 -33.33 2.56
N PHE E 239 11.77 -33.19 2.76
CA PHE E 239 12.68 -32.79 1.70
C PHE E 239 13.60 -34.00 1.49
N TYR E 240 13.57 -34.54 0.29
CA TYR E 240 14.37 -35.71 -0.01
C TYR E 240 15.80 -35.36 -0.43
N LYS E 241 16.68 -35.29 0.55
CA LYS E 241 18.08 -34.97 0.34
C LYS E 241 18.74 -35.88 -0.67
N ALA E 242 20.03 -35.67 -0.89
CA ALA E 242 20.76 -36.48 -1.86
C ALA E 242 21.34 -37.76 -1.25
N ASP E 243 21.68 -37.72 0.03
CA ASP E 243 22.26 -38.88 0.69
C ASP E 243 21.22 -39.97 0.88
N GLY E 244 20.05 -39.77 0.28
CA GLY E 244 18.99 -40.77 0.41
C GLY E 244 18.07 -40.51 1.59
N GLU E 245 18.58 -39.84 2.61
CA GLU E 245 17.80 -39.52 3.80
C GLU E 245 16.65 -38.55 3.45
N SER E 246 15.92 -38.11 4.47
CA SER E 246 14.82 -37.17 4.30
C SER E 246 14.65 -36.37 5.58
N CYS E 247 14.25 -35.11 5.44
CA CYS E 247 14.07 -34.25 6.60
C CYS E 247 12.90 -33.28 6.45
N SER E 248 12.53 -32.65 7.54
CA SER E 248 11.42 -31.71 7.55
C SER E 248 11.85 -30.27 7.27
N ALA E 249 11.14 -29.64 6.33
CA ALA E 249 11.41 -28.26 5.95
C ALA E 249 10.15 -27.47 5.70
N SER E 250 10.13 -26.21 6.11
CA SER E 250 8.99 -25.35 5.91
C SER E 250 8.74 -25.15 4.41
N MET E 251 7.91 -26.02 3.86
CA MET E 251 7.59 -25.99 2.43
C MET E 251 6.47 -25.00 2.14
N MET E 252 6.80 -23.94 1.39
CA MET E 252 5.81 -22.93 1.03
C MET E 252 5.04 -23.40 -0.20
N TYR E 253 3.92 -22.75 -0.48
CA TYR E 253 3.07 -23.12 -1.61
C TYR E 253 2.25 -21.94 -2.12
N GLN E 254 1.91 -21.99 -3.39
CA GLN E 254 1.05 -20.99 -4.01
C GLN E 254 0.76 -21.42 -5.42
N GLU E 255 -0.35 -20.90 -5.96
CA GLU E 255 -0.77 -21.17 -7.32
C GLU E 255 -0.80 -19.81 -8.02
N GLY E 256 -0.45 -19.80 -9.29
CA GLY E 256 -0.42 -18.54 -10.02
C GLY E 256 0.30 -18.67 -11.34
N LYS E 257 0.34 -17.58 -12.09
CA LYS E 257 1.02 -17.57 -13.36
C LYS E 257 2.49 -17.21 -13.15
N PHE E 258 3.36 -18.02 -13.75
CA PHE E 258 4.82 -17.85 -13.65
C PHE E 258 5.50 -18.32 -14.94
N ARG E 259 6.65 -17.73 -15.25
CA ARG E 259 7.40 -18.13 -16.43
C ARG E 259 8.03 -19.47 -16.08
N TYR E 260 7.68 -20.48 -16.86
CA TYR E 260 8.13 -21.83 -16.60
C TYR E 260 8.52 -22.55 -17.88
N ARG E 261 9.18 -23.69 -17.71
CA ARG E 261 9.59 -24.49 -18.84
C ARG E 261 10.13 -25.86 -18.44
N ARG E 262 9.55 -26.89 -19.05
CA ARG E 262 9.96 -28.27 -18.84
C ARG E 262 10.98 -28.47 -19.94
N VAL E 263 12.22 -28.77 -19.58
CA VAL E 263 13.24 -28.94 -20.60
C VAL E 263 13.66 -30.39 -20.81
N ALA E 264 14.85 -30.57 -21.38
CA ALA E 264 15.39 -31.89 -21.68
C ALA E 264 15.58 -32.76 -20.44
N GLU E 265 15.46 -34.07 -20.63
CA GLU E 265 15.60 -35.05 -19.55
C GLU E 265 14.68 -34.76 -18.36
N GLY E 266 13.58 -34.07 -18.63
CA GLY E 266 12.62 -33.74 -17.59
C GLY E 266 13.01 -32.71 -16.53
N THR E 267 14.03 -31.90 -16.80
CA THR E 267 14.44 -30.89 -15.84
C THR E 267 13.41 -29.76 -15.93
N GLN E 268 13.13 -29.12 -14.80
CA GLN E 268 12.15 -28.03 -14.75
C GLN E 268 12.79 -26.70 -14.37
N VAL E 269 12.44 -25.65 -15.10
CA VAL E 269 12.97 -24.33 -14.82
C VAL E 269 11.82 -23.42 -14.43
N LEU E 270 12.00 -22.66 -13.36
CA LEU E 270 10.97 -21.75 -12.87
C LEU E 270 11.56 -20.40 -12.47
N GLU E 271 10.87 -19.33 -12.84
CA GLU E 271 11.33 -18.00 -12.50
C GLU E 271 10.33 -17.26 -11.63
N LEU E 272 10.81 -16.77 -10.49
CA LEU E 272 10.02 -16.04 -9.52
C LEU E 272 10.61 -14.63 -9.48
N PRO E 273 9.92 -13.65 -10.05
CA PRO E 273 10.44 -12.29 -10.05
C PRO E 273 10.20 -11.58 -8.74
N PHE E 274 11.02 -10.57 -8.45
CA PHE E 274 10.81 -9.76 -7.24
C PHE E 274 10.07 -8.53 -7.70
N LYS E 275 9.54 -7.74 -6.77
CA LYS E 275 8.79 -6.55 -7.14
C LYS E 275 9.66 -5.69 -8.06
N GLY E 276 9.17 -5.40 -9.26
CA GLY E 276 9.96 -4.60 -10.20
C GLY E 276 10.30 -5.35 -11.49
N ASP E 277 10.55 -6.65 -11.36
CA ASP E 277 10.86 -7.52 -12.50
C ASP E 277 12.26 -7.41 -13.10
N ASP E 278 13.11 -6.53 -12.58
CA ASP E 278 14.47 -6.41 -13.12
C ASP E 278 15.39 -7.40 -12.42
N ILE E 279 14.88 -8.03 -11.37
CA ILE E 279 15.63 -9.03 -10.62
C ILE E 279 14.71 -10.21 -10.33
N THR E 280 15.17 -11.41 -10.67
CA THR E 280 14.38 -12.61 -10.43
C THR E 280 15.25 -13.70 -9.84
N MET E 281 14.57 -14.75 -9.40
CA MET E 281 15.24 -15.92 -8.89
C MET E 281 14.84 -17.04 -9.82
N VAL E 282 15.81 -17.77 -10.36
CA VAL E 282 15.47 -18.87 -11.24
C VAL E 282 15.84 -20.17 -10.55
N LEU E 283 14.95 -21.15 -10.63
CA LEU E 283 15.19 -22.44 -10.02
C LEU E 283 15.27 -23.51 -11.09
N ILE E 284 16.25 -24.39 -10.94
CA ILE E 284 16.44 -25.48 -11.87
C ILE E 284 16.30 -26.74 -11.03
N LEU E 285 15.24 -27.50 -11.33
CA LEU E 285 14.92 -28.73 -10.62
C LEU E 285 14.96 -29.94 -11.54
N PRO E 286 15.85 -30.89 -11.24
CA PRO E 286 15.94 -32.09 -12.08
C PRO E 286 14.80 -33.03 -11.70
N LYS E 287 14.50 -34.00 -12.54
CA LYS E 287 13.45 -34.95 -12.21
C LYS E 287 14.01 -35.89 -11.14
N PRO E 288 13.14 -36.50 -10.32
CA PRO E 288 13.60 -37.40 -9.26
C PRO E 288 14.67 -38.38 -9.73
N GLU E 289 14.52 -38.89 -10.94
CA GLU E 289 15.47 -39.84 -11.50
C GLU E 289 16.86 -39.22 -11.60
N LYS E 290 17.06 -38.40 -12.63
CA LYS E 290 18.33 -37.72 -12.85
C LYS E 290 18.75 -36.92 -11.60
N SER E 291 20.03 -37.01 -11.25
CA SER E 291 20.53 -36.29 -10.09
C SER E 291 20.99 -34.88 -10.44
N LEU E 292 21.09 -34.03 -9.42
CA LEU E 292 21.52 -32.65 -9.60
C LEU E 292 22.92 -32.58 -10.21
N ALA E 293 23.84 -33.37 -9.66
CA ALA E 293 25.22 -33.41 -10.13
C ALA E 293 25.31 -33.48 -11.65
N LYS E 294 24.55 -34.40 -12.25
CA LYS E 294 24.56 -34.53 -13.69
C LYS E 294 24.34 -33.14 -14.29
N VAL E 295 23.25 -32.50 -13.88
CA VAL E 295 22.89 -31.17 -14.37
C VAL E 295 24.00 -30.14 -14.23
N GLU E 296 24.62 -30.08 -13.05
CA GLU E 296 25.68 -29.12 -12.81
C GLU E 296 26.84 -29.30 -13.79
N LYS E 297 27.09 -30.54 -14.20
CA LYS E 297 28.16 -30.83 -15.13
C LYS E 297 27.82 -30.42 -16.55
N GLU E 298 26.55 -30.14 -16.79
CA GLU E 298 26.08 -29.74 -18.12
C GLU E 298 25.79 -28.24 -18.14
N LEU E 299 25.81 -27.62 -16.96
CA LEU E 299 25.53 -26.21 -16.82
C LEU E 299 26.58 -25.29 -17.41
N THR E 300 26.30 -24.78 -18.60
CA THR E 300 27.20 -23.86 -19.27
C THR E 300 26.43 -22.57 -19.48
N PRO E 301 27.14 -21.46 -19.70
CA PRO E 301 26.48 -20.16 -19.92
C PRO E 301 25.42 -20.22 -21.01
N GLU E 302 25.72 -20.90 -22.12
CA GLU E 302 24.77 -21.01 -23.21
C GLU E 302 23.60 -21.93 -22.89
N VAL E 303 23.82 -22.95 -22.06
CA VAL E 303 22.75 -23.86 -21.69
C VAL E 303 21.74 -23.08 -20.83
N LEU E 304 22.25 -22.45 -19.77
CA LEU E 304 21.42 -21.66 -18.89
C LEU E 304 20.64 -20.61 -19.67
N GLN E 305 21.33 -19.89 -20.53
CA GLN E 305 20.70 -18.84 -21.34
C GLN E 305 19.64 -19.41 -22.28
N GLU E 306 19.92 -20.57 -22.89
CA GLU E 306 18.95 -21.18 -23.80
C GLU E 306 17.68 -21.56 -23.01
N TRP E 307 17.86 -21.99 -21.77
CA TRP E 307 16.71 -22.34 -20.95
C TRP E 307 15.82 -21.13 -20.67
N LEU E 308 16.45 -20.05 -20.22
CA LEU E 308 15.74 -18.82 -19.90
C LEU E 308 14.94 -18.28 -21.10
N ASP E 309 15.47 -18.48 -22.31
CA ASP E 309 14.79 -18.03 -23.52
C ASP E 309 13.54 -18.87 -23.77
N GLU E 310 13.60 -20.15 -23.40
CA GLU E 310 12.50 -21.08 -23.58
C GLU E 310 11.36 -20.84 -22.59
N LEU E 311 11.61 -20.03 -21.56
CA LEU E 311 10.59 -19.78 -20.55
C LEU E 311 9.37 -19.07 -21.12
N GLU E 312 8.20 -19.45 -20.61
CA GLU E 312 6.94 -18.85 -21.02
C GLU E 312 5.99 -18.93 -19.84
N GLU E 313 5.22 -17.87 -19.64
CA GLU E 313 4.27 -17.81 -18.54
C GLU E 313 3.25 -18.92 -18.56
N MET E 314 2.96 -19.44 -17.38
CA MET E 314 2.01 -20.53 -17.20
C MET E 314 1.31 -20.37 -15.87
N MET E 315 0.10 -20.91 -15.77
CA MET E 315 -0.65 -20.88 -14.53
C MET E 315 -0.19 -22.19 -13.90
N LEU E 316 0.34 -22.15 -12.67
CA LEU E 316 0.79 -23.38 -12.03
C LEU E 316 0.92 -23.24 -10.51
N CYS E 317 1.13 -24.36 -9.84
CA CYS E 317 1.30 -24.36 -8.40
C CYS E 317 2.76 -24.63 -8.07
N VAL E 318 3.24 -24.02 -6.99
CA VAL E 318 4.64 -24.19 -6.62
C VAL E 318 4.82 -24.57 -5.17
N HIS E 319 5.62 -25.62 -4.93
CA HIS E 319 5.96 -26.01 -3.56
C HIS E 319 7.47 -25.72 -3.45
N MET E 320 7.79 -24.72 -2.64
CA MET E 320 9.19 -24.34 -2.43
C MET E 320 9.46 -24.16 -0.95
N PRO E 321 10.62 -24.63 -0.47
CA PRO E 321 10.90 -24.47 0.95
C PRO E 321 11.56 -23.15 1.29
N ARG E 322 11.40 -22.73 2.54
CA ARG E 322 12.06 -21.53 3.01
C ARG E 322 13.50 -22.04 3.06
N PHE E 323 14.47 -21.15 2.83
CA PHE E 323 15.84 -21.60 2.92
C PHE E 323 16.79 -20.44 3.18
N ARG E 324 17.93 -20.78 3.77
CA ARG E 324 18.97 -19.80 4.10
C ARG E 324 20.29 -20.43 3.68
N ILE E 325 20.96 -19.81 2.72
CA ILE E 325 22.24 -20.31 2.26
C ILE E 325 23.30 -19.19 2.33
N GLU E 326 24.55 -19.59 2.54
CA GLU E 326 25.69 -18.67 2.68
C GLU E 326 26.90 -19.16 1.87
N ASP E 327 27.90 -18.29 1.71
CA ASP E 327 29.11 -18.67 0.99
C ASP E 327 30.21 -19.13 1.97
N GLY E 328 29.94 -20.22 2.67
CA GLY E 328 30.91 -20.72 3.64
C GLY E 328 31.94 -21.62 2.96
N PHE E 329 32.99 -21.01 2.43
CA PHE E 329 34.08 -21.70 1.75
C PHE E 329 35.23 -20.73 1.65
N SER E 330 36.45 -21.23 1.41
CA SER E 330 37.60 -20.32 1.31
C SER E 330 37.76 -19.88 -0.14
N LEU E 331 37.59 -18.57 -0.37
CA LEU E 331 37.70 -18.01 -1.70
C LEU E 331 39.13 -18.18 -2.22
N LYS E 332 40.11 -17.76 -1.43
CA LYS E 332 41.50 -17.88 -1.82
C LYS E 332 41.81 -19.31 -2.26
N GLU E 333 41.55 -20.25 -1.35
CA GLU E 333 41.83 -21.65 -1.60
C GLU E 333 41.21 -22.10 -2.90
N GLN E 334 39.92 -21.81 -3.05
CA GLN E 334 39.15 -22.18 -4.23
C GLN E 334 39.76 -21.61 -5.52
N LEU E 335 40.17 -20.34 -5.46
CA LEU E 335 40.74 -19.69 -6.64
C LEU E 335 42.14 -20.22 -6.97
N GLN E 336 42.93 -20.53 -5.92
CA GLN E 336 44.27 -21.07 -6.11
C GLN E 336 44.16 -22.38 -6.88
N ASP E 337 43.23 -23.24 -6.48
CA ASP E 337 43.08 -24.51 -7.17
C ASP E 337 42.57 -24.35 -8.58
N MET E 338 42.16 -23.14 -8.94
CA MET E 338 41.66 -22.92 -10.28
C MET E 338 42.73 -22.30 -11.18
N GLY E 339 43.80 -21.79 -10.57
CA GLY E 339 44.86 -21.19 -11.37
C GLY E 339 45.42 -19.88 -10.85
N LEU E 340 44.69 -19.22 -9.96
CA LEU E 340 45.14 -17.95 -9.40
C LEU E 340 46.11 -18.30 -8.28
N VAL E 341 47.40 -18.28 -8.63
CA VAL E 341 48.43 -18.66 -7.66
C VAL E 341 49.36 -17.54 -7.23
N ASP E 342 49.98 -16.89 -8.20
CA ASP E 342 50.93 -15.84 -7.88
C ASP E 342 50.38 -14.72 -6.99
N LEU E 343 49.20 -14.21 -7.32
CA LEU E 343 48.61 -13.12 -6.54
C LEU E 343 48.66 -13.38 -5.04
N PHE E 344 48.61 -14.66 -4.68
CA PHE E 344 48.63 -15.06 -3.27
C PHE E 344 50.00 -15.45 -2.73
N SER E 345 50.97 -15.58 -3.63
CA SER E 345 52.35 -15.96 -3.27
C SER E 345 53.25 -14.80 -2.84
N PRO E 346 53.76 -14.82 -1.59
CA PRO E 346 54.64 -13.75 -1.11
C PRO E 346 55.84 -13.54 -2.03
N GLU E 347 56.27 -14.62 -2.67
CA GLU E 347 57.40 -14.59 -3.58
C GLU E 347 57.04 -14.24 -5.02
N LYS E 348 56.05 -14.93 -5.59
CA LYS E 348 55.67 -14.70 -6.98
C LYS E 348 54.68 -13.56 -7.28
N SER E 349 54.12 -12.95 -6.25
CA SER E 349 53.14 -11.89 -6.46
C SER E 349 53.69 -10.65 -7.19
N LYS E 350 53.02 -10.26 -8.25
CA LYS E 350 53.41 -9.10 -9.04
C LYS E 350 52.38 -7.98 -9.03
N LEU E 351 52.46 -7.09 -8.04
CA LEU E 351 51.52 -5.97 -7.93
C LEU E 351 52.19 -4.59 -7.90
N PRO E 352 53.02 -4.30 -8.91
CA PRO E 352 53.75 -3.02 -9.02
C PRO E 352 52.85 -1.78 -8.92
N GLY E 353 51.74 -1.82 -9.65
CA GLY E 353 50.80 -0.71 -9.69
C GLY E 353 50.22 -0.24 -8.37
N ILE E 354 50.30 -1.06 -7.32
CA ILE E 354 49.75 -0.66 -6.03
C ILE E 354 50.88 -0.20 -5.12
N VAL E 355 51.95 -0.98 -5.08
CA VAL E 355 53.12 -0.65 -4.29
C VAL E 355 54.32 -1.20 -5.07
N ALA E 356 55.37 -0.40 -5.25
CA ALA E 356 56.53 -0.85 -6.00
C ALA E 356 57.62 -1.54 -5.16
N GLU E 357 58.73 -1.85 -5.82
CA GLU E 357 59.90 -2.48 -5.20
C GLU E 357 59.97 -4.00 -5.09
N GLY E 358 60.71 -4.44 -4.08
CA GLY E 358 60.90 -5.85 -3.82
C GLY E 358 61.34 -6.24 -2.42
N ARG E 359 61.31 -5.32 -1.45
CA ARG E 359 61.71 -5.66 -0.08
C ARG E 359 60.84 -6.84 0.34
N ASP E 360 59.64 -6.50 0.79
CA ASP E 360 58.64 -7.50 1.15
C ASP E 360 57.69 -7.19 -0.01
N ASP E 361 57.52 -8.14 -0.93
CA ASP E 361 56.64 -7.86 -2.05
C ASP E 361 55.19 -8.02 -1.68
N LEU E 362 54.37 -7.20 -2.31
CA LEU E 362 52.94 -7.17 -2.07
C LEU E 362 52.19 -8.35 -2.69
N TYR E 363 51.38 -9.01 -1.89
CA TYR E 363 50.57 -10.13 -2.34
C TYR E 363 49.29 -10.07 -1.54
N VAL E 364 48.26 -10.77 -2.01
CA VAL E 364 47.00 -10.80 -1.29
C VAL E 364 47.07 -11.88 -0.21
N SER E 365 47.00 -11.46 1.05
CA SER E 365 47.05 -12.42 2.14
C SER E 365 45.69 -13.06 2.37
N ASP E 366 44.62 -12.33 2.06
CA ASP E 366 43.28 -12.88 2.26
C ASP E 366 42.13 -12.21 1.50
N ALA E 367 41.19 -13.04 1.06
CA ALA E 367 40.01 -12.59 0.35
C ALA E 367 38.78 -12.90 1.22
N PHE E 368 38.36 -11.92 2.00
CA PHE E 368 37.19 -12.09 2.85
C PHE E 368 35.93 -11.77 2.07
N HIS E 369 34.99 -12.70 2.07
CA HIS E 369 33.76 -12.55 1.31
C HIS E 369 32.57 -12.90 2.19
N LYS E 370 31.43 -12.32 1.85
CA LYS E 370 30.21 -12.56 2.60
C LYS E 370 29.05 -12.33 1.65
N ALA E 371 28.28 -13.39 1.42
CA ALA E 371 27.12 -13.33 0.56
C ALA E 371 26.16 -14.37 1.07
N PHE E 372 24.89 -14.02 1.18
CA PHE E 372 23.91 -14.96 1.69
C PHE E 372 22.57 -14.65 1.06
N LEU E 373 21.62 -15.56 1.25
CA LEU E 373 20.27 -15.42 0.73
C LEU E 373 19.32 -16.10 1.71
N GLU E 374 18.37 -15.33 2.23
CA GLU E 374 17.37 -15.88 3.15
C GLU E 374 16.02 -15.68 2.46
N VAL E 375 15.45 -16.80 2.01
CA VAL E 375 14.19 -16.79 1.30
C VAL E 375 13.03 -17.30 2.14
N ASN E 376 11.94 -16.53 2.17
CA ASN E 376 10.75 -16.92 2.92
C ASN E 376 9.52 -16.52 2.08
N GLU E 377 8.35 -16.54 2.70
CA GLU E 377 7.09 -16.20 2.01
C GLU E 377 7.07 -14.77 1.45
N GLU E 378 7.66 -13.84 2.19
CA GLU E 378 7.70 -12.43 1.79
C GLU E 378 8.73 -12.12 0.71
N GLY E 379 9.85 -12.84 0.72
CA GLY E 379 10.87 -12.58 -0.26
C GLY E 379 12.27 -12.86 0.24
N SER E 380 13.19 -12.02 -0.21
CA SER E 380 14.59 -12.13 0.14
C SER E 380 14.93 -11.07 1.20
N GLU E 381 15.47 -11.52 2.32
CA GLU E 381 15.84 -10.61 3.40
C GLU E 381 14.62 -9.85 3.88
N ALA E 382 13.46 -10.50 3.80
CA ALA E 382 12.21 -9.89 4.23
C ALA E 382 11.72 -10.58 5.51
N ALA E 383 11.10 -9.82 6.40
CA ALA E 383 10.60 -10.41 7.64
C ALA E 383 9.24 -11.06 7.42
N ALA E 384 9.04 -12.22 8.04
CA ALA E 384 7.78 -12.95 7.94
C ALA E 384 7.65 -13.78 9.20
N SER E 385 6.42 -14.18 9.54
CA SER E 385 6.21 -14.96 10.74
C SER E 385 6.75 -16.37 10.60
N THR E 386 7.41 -16.83 11.66
CA THR E 386 8.00 -18.16 11.68
C THR E 386 6.88 -19.17 11.91
N ALA E 387 5.90 -18.78 12.72
CA ALA E 387 4.76 -19.63 13.04
C ALA E 387 4.23 -20.35 11.80
N VAL E 388 4.14 -21.67 11.91
CA VAL E 388 3.64 -22.50 10.81
C VAL E 388 2.34 -23.17 11.25
N VAL E 389 1.26 -22.82 10.58
CA VAL E 389 -0.07 -23.34 10.88
C VAL E 389 -0.26 -24.78 10.43
N ILE E 390 -1.28 -25.42 10.98
CA ILE E 390 -1.64 -26.80 10.63
C ILE E 390 -3.16 -26.79 10.43
N ALA E 391 -3.55 -26.82 9.16
CA ALA E 391 -4.96 -26.79 8.77
C ALA E 391 -5.06 -27.23 7.31
N GLY E 392 -6.31 -27.36 6.83
CA GLY E 392 -6.52 -27.75 5.46
C GLY E 392 -6.34 -26.57 4.52
N ARG E 393 -5.76 -26.83 3.36
CA ARG E 393 -5.51 -25.79 2.37
C ARG E 393 -6.41 -26.01 1.16
N SER E 394 -7.24 -27.04 1.22
CA SER E 394 -8.16 -27.40 0.14
C SER E 394 -7.43 -27.56 -1.18
N LEU E 395 -6.40 -28.38 -1.19
CA LEU E 395 -5.65 -28.60 -2.45
C LEU E 395 -5.97 -29.95 -3.08
N ASN E 396 -5.81 -30.03 -4.40
CA ASN E 396 -6.04 -31.27 -5.13
C ASN E 396 -4.93 -32.25 -4.74
N PRO E 397 -5.27 -33.25 -3.92
CA PRO E 397 -4.21 -34.19 -3.54
C PRO E 397 -3.49 -34.81 -4.73
N ASN E 398 -4.08 -34.70 -5.92
CA ASN E 398 -3.48 -35.24 -7.13
C ASN E 398 -2.85 -34.14 -7.98
N ARG E 399 -2.65 -32.96 -7.41
CA ARG E 399 -2.09 -31.83 -8.16
C ARG E 399 -0.70 -32.15 -8.73
N VAL E 400 -0.34 -31.42 -9.78
CA VAL E 400 0.96 -31.56 -10.42
C VAL E 400 1.60 -30.17 -10.34
N CYS E 401 2.59 -30.04 -9.48
CA CYS E 401 3.28 -28.77 -9.27
C CYS E 401 4.77 -28.87 -9.49
N PHE E 402 5.43 -27.71 -9.47
CA PHE E 402 6.86 -27.62 -9.55
C PHE E 402 7.12 -27.84 -8.06
N LYS E 403 7.44 -29.07 -7.70
CA LYS E 403 7.65 -29.43 -6.30
C LYS E 403 9.13 -29.58 -5.95
N ALA E 404 9.70 -28.53 -5.40
CA ALA E 404 11.11 -28.56 -5.04
C ALA E 404 11.31 -29.17 -3.66
N ASN E 405 11.08 -30.48 -3.56
CA ASN E 405 11.27 -31.18 -2.30
C ASN E 405 12.51 -32.05 -2.39
N ARG E 406 13.42 -31.66 -3.29
CA ARG E 406 14.71 -32.33 -3.49
C ARG E 406 15.67 -31.25 -3.97
N PRO E 407 16.99 -31.50 -3.91
CA PRO E 407 18.01 -30.52 -4.33
C PRO E 407 17.80 -29.81 -5.65
N PHE E 408 17.79 -28.48 -5.59
CA PHE E 408 17.63 -27.65 -6.78
C PHE E 408 18.68 -26.51 -6.83
N LEU E 409 18.93 -26.02 -8.04
CA LEU E 409 19.85 -24.90 -8.22
C LEU E 409 19.08 -23.58 -8.18
N VAL E 410 19.76 -22.54 -7.72
CA VAL E 410 19.20 -21.21 -7.62
C VAL E 410 20.09 -20.15 -8.27
N PHE E 411 19.45 -19.22 -8.96
CA PHE E 411 20.14 -18.11 -9.59
C PHE E 411 19.38 -16.84 -9.26
N ILE E 412 20.11 -15.79 -8.91
CA ILE E 412 19.47 -14.51 -8.67
C ILE E 412 20.00 -13.69 -9.83
N ARG E 413 19.13 -13.30 -10.75
CA ARG E 413 19.63 -12.54 -11.88
C ARG E 413 18.97 -11.20 -12.12
N GLU E 414 19.63 -10.41 -12.96
CA GLU E 414 19.13 -9.09 -13.34
C GLU E 414 18.69 -9.19 -14.79
N VAL E 415 17.54 -8.62 -15.09
CA VAL E 415 17.03 -8.62 -16.46
C VAL E 415 17.08 -7.13 -16.82
N PRO E 416 17.41 -6.78 -18.07
CA PRO E 416 17.78 -7.55 -19.27
C PRO E 416 19.24 -7.90 -19.58
N LEU E 417 20.19 -7.59 -18.70
CA LEU E 417 21.59 -7.94 -18.99
C LEU E 417 21.88 -9.43 -18.79
N ASN E 418 21.02 -10.10 -18.03
CA ASN E 418 21.20 -11.52 -17.72
C ASN E 418 22.39 -11.73 -16.79
N THR E 419 22.81 -10.65 -16.13
CA THR E 419 23.93 -10.72 -15.20
C THR E 419 23.60 -11.68 -14.06
N ILE E 420 24.48 -12.62 -13.79
CA ILE E 420 24.27 -13.54 -12.69
C ILE E 420 24.87 -12.89 -11.46
N ILE E 421 23.99 -12.44 -10.57
CA ILE E 421 24.43 -11.77 -9.36
C ILE E 421 24.77 -12.77 -8.27
N PHE E 422 23.92 -13.80 -8.15
CA PHE E 422 24.10 -14.85 -7.15
C PHE E 422 23.76 -16.17 -7.80
N MET E 423 24.42 -17.23 -7.34
CA MET E 423 24.12 -18.57 -7.83
C MET E 423 24.41 -19.52 -6.68
N GLY E 424 23.67 -20.62 -6.65
CA GLY E 424 23.89 -21.56 -5.57
C GLY E 424 23.06 -22.81 -5.69
N ARG E 425 23.06 -23.59 -4.63
CA ARG E 425 22.34 -24.84 -4.62
C ARG E 425 21.69 -25.06 -3.27
N VAL E 426 20.42 -25.46 -3.28
CA VAL E 426 19.72 -25.74 -2.03
C VAL E 426 19.66 -27.27 -1.95
N ALA E 427 20.54 -27.84 -1.13
CA ALA E 427 20.61 -29.29 -0.96
C ALA E 427 19.98 -29.68 0.36
N ASN E 428 19.98 -28.76 1.33
CA ASN E 428 19.38 -29.04 2.62
C ASN E 428 18.87 -27.80 3.35
N PRO E 429 17.56 -27.52 3.20
CA PRO E 429 16.93 -26.36 3.84
C PRO E 429 16.31 -26.70 5.18
N CYS E 430 16.63 -27.86 5.73
CA CYS E 430 16.05 -28.29 7.00
C CYS E 430 16.70 -27.79 8.28
N VAL E 431 16.07 -28.19 9.40
CA VAL E 431 16.46 -27.87 10.77
C VAL E 431 15.69 -26.68 11.31
#